data_7QVM
#
_entry.id   7QVM
#
_cell.length_a   1.00
_cell.length_b   1.00
_cell.length_c   1.00
_cell.angle_alpha   90.00
_cell.angle_beta   90.00
_cell.angle_gamma   90.00
#
_symmetry.space_group_name_H-M   'P 1'
#
loop_
_entity.id
_entity.type
_entity.pdbx_description
1 polymer 'Guanine nucleotide-binding protein G(o) subunit alpha,cDNA FLJ31446 fis, clone NT2NE2000909, highly similar to Guanine nucleotide-binding protein G(o) subunit alpha 1'
2 polymer 'Guanine nucleotide-binding protein G(I)/G(S)/G(T) subunit beta-1'
3 polymer 'Guanine nucleotide-binding protein G(I)/G(S)/G(O) subunit gamma-2'
4 polymer Oxytocin
5 polymer 'Oxytocin receptor'
6 polymer 'Antibody fragment scFv16'
#
loop_
_entity_poly.entity_id
_entity_poly.type
_entity_poly.pdbx_seq_one_letter_code
_entity_poly.pdbx_strand_id
1 'polypeptide(L)'
;MGCTLSAEDKAAVERSKMIEKNLKEDGISAAKDVKLLLLGADNSGKSTIVKQMKIIHGGSGGSGGTTGIVETHFTFKNLH
FRLFDVGGQRSERKKWIHCFEDVTAIIFCVDLSDYNRMHESLMLFDSICNNKFFIDTSIILFLNKKDLFGEKIKKSPLTI
CFPEYTGPNTYEDAAAYIQAQFESKNRSPNKEIYCHMTCATDTNNAQVIFDAVTDIILQMNLREYNLV
;
A
2 'polypeptide(L)'
;MHHHHHHHHHHGSSGSELDQLRQEAEQLKNQIRDARKACADATLSQITNNIDPVGRIQMRTRRTLRGHLAKIYAMHWGTD
SRLLVSASQDGKLIIWDSYTTNKVHAIPLRSSWVMTCAYAPSGNYVACGGLDNICSIYNLKTREGNVRVSRELAGHTGYL
SCCRFLDDNQIVTSSGDTTCALWDIETGQQTTTFTGHTGDVMSLSLAPDTRLFVSGACDASAKLWDVREGMCRQTFTGHE
SDINAICFFPNGNAFATGSDDATCRLFDLRADQELMTYSHDNIICGITSVSFSKSGRLLLAGYDDFNCNVWDALKADRAG
VLAGHDNRVSCLGVTDDGMAVATGSWDSFLKIWN
;
B
3 'polypeptide(L)' MASNNTASIAQARKLVEQLKMEANIDRIKVSKAAADLMAYCEAHAKEDPLLTPVPASENPFREKKFFCAIL G
4 'polypeptide(L)' CYIQNCPLG(NH2) L
5 'polypeptide(L)'
;MEGALAANWSAEAANASAAPPGAEGNRTAGPPRRNEALARVEVAVLCLILLLALSGNACVLLALRTTRQKHSRLFFFMKH
LSIADLVVAVFQVLPQLLWDITFRFYGPDLLCRLVKYLQVVGMFASTYLLLLMSLDRCLAICQPLRSLRRRTYRLAVLAT
WLGCLVASAPQVHIFSLREVADGVFDCWAVFIQPWGPKAYITWITLAVYIVPVIVLATCYGLISFKIWQNLRLKTAAAAA
AEAPEGAAAGDGGRVALARVSSVKLISKAKIRTVKMTFIIVLAFIVCWTPFFFVQMWSVWDANAPKEASAFIIVMLLASL
NSCCNPWIYMLFTGHLFHELVQRFLCCSASYLKGRRLGK
;
R
6 'polypeptide(L)'
;DVQLVESGGGLVQPGGSRKLSCSASGFAFSSFGMHWVRQAPEKGLEWVAYISSGSGTIYYADTVKGRFTISRDDPKNTLF
LQMTSLRSEDTAMYYCVRSIYYYGSSPFDFWGQGTTLTVSSGGGGSGGGGSGGGGSDIVMTQATSSVPVTPGESVSISCR
SSKSLLHSNGNTYLYWFLQRPGQSPQLLIYRMSNLASGVPDRFSGSGSGTAFTLTISRLEAEDVGVYYCMQHLEYPLTFG
AGTKLELKAAA
;
S
#
# COMPACT_ATOMS: atom_id res chain seq x y z
N LEU A 5 -11.51 20.55 -7.56
CA LEU A 5 -10.16 21.10 -7.46
C LEU A 5 -10.15 22.41 -6.66
N SER A 6 -11.13 22.57 -5.78
CA SER A 6 -11.24 23.80 -5.00
C SER A 6 -10.22 23.81 -3.87
N ALA A 7 -10.32 24.83 -3.02
CA ALA A 7 -9.32 25.04 -1.97
C ALA A 7 -9.30 23.90 -0.96
N GLU A 8 -10.48 23.40 -0.58
CA GLU A 8 -10.54 22.33 0.41
C GLU A 8 -9.88 21.06 -0.12
N ASP A 9 -10.08 20.76 -1.40
CA ASP A 9 -9.38 19.59 -1.97
C ASP A 9 -7.87 19.88 -1.87
N LYS A 10 -7.41 21.02 -2.35
CA LYS A 10 -5.97 21.28 -2.33
C LYS A 10 -5.40 21.06 -0.94
N ALA A 11 -6.10 21.54 0.09
CA ALA A 11 -5.62 21.31 1.45
C ALA A 11 -5.69 19.83 1.82
N ALA A 12 -6.70 19.11 1.33
CA ALA A 12 -6.77 17.68 1.56
C ALA A 12 -5.61 16.95 0.90
N VAL A 13 -5.25 17.35 -0.32
CA VAL A 13 -4.09 16.78 -0.99
C VAL A 13 -2.80 17.10 -0.25
N GLU A 14 -2.70 18.31 0.30
CA GLU A 14 -1.52 18.65 1.10
C GLU A 14 -1.43 17.76 2.34
N ARG A 15 -2.57 17.55 3.00
CA ARG A 15 -2.58 16.65 4.16
C ARG A 15 -2.21 15.22 3.76
N SER A 16 -2.72 14.77 2.61
CA SER A 16 -2.38 13.44 2.11
C SER A 16 -0.90 13.33 1.81
N LYS A 17 -0.30 14.38 1.25
CA LYS A 17 1.13 14.35 0.97
C LYS A 17 1.95 14.33 2.26
N MET A 18 1.51 15.07 3.29
CA MET A 18 2.18 15.01 4.58
C MET A 18 2.10 13.61 5.17
N ILE A 19 0.92 12.98 5.07
CA ILE A 19 0.78 11.62 5.56
C ILE A 19 1.65 10.66 4.76
N GLU A 20 1.75 10.88 3.45
CA GLU A 20 2.65 10.08 2.63
C GLU A 20 4.10 10.23 3.07
N LYS A 21 4.52 11.46 3.39
CA LYS A 21 5.87 11.67 3.86
C LYS A 21 6.12 10.93 5.16
N ASN A 22 5.17 11.02 6.10
CA ASN A 22 5.32 10.28 7.36
C ASN A 22 5.36 8.78 7.12
N LEU A 23 4.51 8.29 6.21
CA LEU A 23 4.47 6.88 5.89
C LEU A 23 5.79 6.39 5.30
N LYS A 24 6.35 7.15 4.37
CA LYS A 24 7.63 6.76 3.77
C LYS A 24 8.75 6.83 4.79
N GLU A 25 8.73 7.82 5.69
CA GLU A 25 9.74 7.88 6.74
C GLU A 25 9.65 6.66 7.65
N ASP A 26 8.44 6.28 8.03
CA ASP A 26 8.27 5.09 8.87
C ASP A 26 8.71 3.82 8.14
N GLY A 27 8.40 3.73 6.85
CA GLY A 27 8.85 2.58 6.08
C GLY A 27 10.37 2.50 5.98
N ILE A 28 11.02 3.64 5.78
CA ILE A 28 12.48 3.68 5.73
C ILE A 28 13.05 3.25 7.08
N SER A 29 12.45 3.74 8.18
CA SER A 29 12.92 3.34 9.49
C SER A 29 12.75 1.84 9.72
N ALA A 30 11.64 1.28 9.27
CA ALA A 30 11.36 -0.14 9.47
C ALA A 30 12.20 -1.03 8.56
N ALA A 31 12.64 -0.51 7.40
CA ALA A 31 13.42 -1.32 6.48
C ALA A 31 14.76 -1.73 7.08
N LYS A 32 15.29 -0.94 8.01
CA LYS A 32 16.54 -1.30 8.67
C LYS A 32 16.39 -2.52 9.57
N ASP A 33 15.16 -2.87 9.95
CA ASP A 33 14.94 -4.01 10.82
C ASP A 33 15.12 -5.32 10.07
N VAL A 34 15.50 -6.36 10.81
CA VAL A 34 15.61 -7.71 10.29
C VAL A 34 14.68 -8.60 11.12
N LYS A 35 13.79 -9.32 10.44
CA LYS A 35 12.76 -10.11 11.10
C LYS A 35 13.23 -11.56 11.20
N LEU A 36 13.39 -12.04 12.43
CA LEU A 36 13.79 -13.41 12.70
C LEU A 36 12.65 -14.14 13.38
N LEU A 37 12.29 -15.31 12.85
CA LEU A 37 11.23 -16.12 13.42
C LEU A 37 11.83 -17.11 14.40
N LEU A 38 11.52 -16.93 15.69
CA LEU A 38 12.09 -17.78 16.74
C LEU A 38 11.12 -18.92 17.02
N LEU A 39 11.44 -20.10 16.49
CA LEU A 39 10.60 -21.27 16.65
C LEU A 39 11.27 -22.29 17.57
N GLY A 40 10.64 -23.43 17.70
CA GLY A 40 11.15 -24.50 18.53
C GLY A 40 10.01 -25.25 19.20
N ALA A 41 10.32 -25.82 20.36
CA ALA A 41 9.31 -26.54 21.14
C ALA A 41 9.28 -26.03 22.58
N ASP A 42 8.53 -26.71 23.44
CA ASP A 42 8.46 -26.31 24.84
C ASP A 42 9.80 -26.56 25.53
N ASN A 43 10.22 -25.60 26.35
CA ASN A 43 11.49 -25.68 27.09
C ASN A 43 12.66 -25.93 26.16
N SER A 44 12.71 -25.15 25.07
CA SER A 44 13.76 -25.27 24.07
C SER A 44 14.79 -24.14 24.16
N GLY A 45 14.89 -23.48 25.31
CA GLY A 45 15.84 -22.40 25.48
C GLY A 45 15.56 -21.19 24.61
N LYS A 46 14.30 -20.75 24.57
CA LYS A 46 13.95 -19.57 23.80
C LYS A 46 14.61 -18.32 24.36
N SER A 47 14.66 -18.20 25.69
CA SER A 47 15.10 -16.97 26.32
C SER A 47 16.61 -16.79 26.35
N THR A 48 17.39 -17.81 26.01
CA THR A 48 18.84 -17.71 26.10
C THR A 48 19.46 -16.98 24.92
N ILE A 49 18.67 -16.62 23.90
CA ILE A 49 19.23 -15.99 22.71
C ILE A 49 19.76 -14.60 23.04
N VAL A 50 18.95 -13.79 23.73
CA VAL A 50 19.34 -12.41 24.01
C VAL A 50 20.48 -12.37 25.03
N LYS A 51 20.51 -13.33 25.95
CA LYS A 51 21.54 -13.34 26.99
C LYS A 51 21.74 -14.75 27.54
N THR A 66 -2.65 -15.11 27.24
CA THR A 66 -3.32 -14.36 26.18
C THR A 66 -2.32 -13.65 25.29
N THR A 67 -1.04 -13.76 25.63
CA THR A 67 0.03 -13.14 24.86
C THR A 67 0.18 -13.89 23.54
N GLY A 68 -0.33 -13.30 22.46
CA GLY A 68 -0.28 -13.97 21.17
C GLY A 68 1.13 -14.18 20.66
N ILE A 69 1.96 -13.15 20.71
CA ILE A 69 3.33 -13.21 20.21
C ILE A 69 4.24 -12.49 21.18
N VAL A 70 5.39 -13.09 21.46
CA VAL A 70 6.43 -12.47 22.29
C VAL A 70 7.46 -11.87 21.35
N GLU A 71 7.40 -10.56 21.15
CA GLU A 71 8.33 -9.86 20.27
C GLU A 71 9.46 -9.26 21.08
N THR A 72 10.69 -9.57 20.69
CA THR A 72 11.88 -9.03 21.33
C THR A 72 12.71 -8.31 20.28
N HIS A 73 13.38 -7.23 20.68
CA HIS A 73 14.20 -6.46 19.77
C HIS A 73 15.54 -6.15 20.43
N PHE A 74 16.61 -6.25 19.66
CA PHE A 74 17.92 -5.91 20.20
C PHE A 74 18.82 -5.37 19.10
N THR A 75 19.74 -4.49 19.48
CA THR A 75 20.68 -3.88 18.55
C THR A 75 22.05 -4.56 18.66
N PHE A 76 22.65 -4.85 17.51
CA PHE A 76 23.95 -5.50 17.48
C PHE A 76 24.64 -5.18 16.17
N LYS A 77 25.82 -4.57 16.26
CA LYS A 77 26.67 -4.25 15.11
C LYS A 77 25.90 -3.45 14.06
N ASN A 78 25.36 -2.32 14.50
CA ASN A 78 24.63 -1.39 13.63
C ASN A 78 23.48 -2.09 12.90
N LEU A 79 22.81 -3.00 13.61
CA LEU A 79 21.67 -3.72 13.05
C LEU A 79 20.69 -4.02 14.16
N HIS A 80 19.40 -3.94 13.85
CA HIS A 80 18.32 -4.12 14.81
C HIS A 80 17.58 -5.39 14.47
N PHE A 81 17.63 -6.38 15.35
CA PHE A 81 17.04 -7.69 15.13
C PHE A 81 15.75 -7.83 15.93
N ARG A 82 14.73 -8.38 15.28
CA ARG A 82 13.42 -8.63 15.88
C ARG A 82 13.18 -10.13 15.91
N LEU A 83 13.15 -10.69 17.11
CA LEU A 83 12.80 -12.10 17.31
C LEU A 83 11.32 -12.20 17.64
N PHE A 84 10.59 -12.93 16.81
CA PHE A 84 9.14 -13.10 17.01
C PHE A 84 8.89 -14.45 17.68
N ASP A 85 9.32 -14.55 18.93
CA ASP A 85 9.18 -15.79 19.68
C ASP A 85 7.70 -16.01 19.94
N VAL A 86 7.10 -16.95 19.21
CA VAL A 86 5.67 -17.22 19.31
C VAL A 86 5.49 -18.64 19.86
N GLY A 87 4.93 -18.72 21.05
CA GLY A 87 4.58 -19.99 21.65
C GLY A 87 3.19 -19.98 22.25
N GLY A 88 2.60 -18.78 22.34
CA GLY A 88 1.30 -18.61 22.95
C GLY A 88 0.12 -18.84 22.03
N GLN A 89 0.36 -19.13 20.75
CA GLN A 89 -0.74 -19.36 19.82
C GLN A 89 -1.53 -20.60 20.22
N ARG A 90 -0.88 -21.76 20.25
CA ARG A 90 -1.53 -23.03 20.56
C ARG A 90 -2.74 -23.26 19.66
N SER A 91 -2.57 -22.96 18.37
CA SER A 91 -3.65 -23.06 17.40
C SER A 91 -3.09 -23.71 16.14
N GLU A 92 -3.88 -23.69 15.06
CA GLU A 92 -3.46 -24.28 13.80
C GLU A 92 -2.43 -23.39 13.13
N ARG A 93 -1.18 -23.86 13.07
CA ARG A 93 -0.10 -23.04 12.52
C ARG A 93 -0.29 -22.78 11.03
N LYS A 94 -1.06 -23.63 10.34
CA LYS A 94 -1.22 -23.51 8.89
C LYS A 94 -1.98 -22.26 8.47
N LYS A 95 -2.62 -21.55 9.40
CA LYS A 95 -3.45 -20.41 9.05
C LYS A 95 -2.92 -19.07 9.56
N TRP A 96 -1.89 -19.05 10.40
CA TRP A 96 -1.30 -17.80 10.83
C TRP A 96 0.19 -17.69 10.57
N ILE A 97 0.84 -18.77 10.10
CA ILE A 97 2.28 -18.71 9.86
C ILE A 97 2.62 -17.91 8.61
N HIS A 98 1.68 -17.74 7.67
CA HIS A 98 1.96 -16.97 6.48
C HIS A 98 2.16 -15.49 6.77
N CYS A 99 1.80 -15.02 7.97
CA CYS A 99 2.13 -13.66 8.37
C CYS A 99 3.63 -13.49 8.56
N PHE A 100 4.39 -14.58 8.68
CA PHE A 100 5.84 -14.54 8.82
C PHE A 100 6.55 -15.02 7.56
N GLU A 101 5.91 -14.85 6.39
CA GLU A 101 6.54 -15.29 5.15
C GLU A 101 7.81 -14.50 4.86
N ASP A 102 7.79 -13.20 5.12
CA ASP A 102 8.94 -12.33 4.86
C ASP A 102 9.76 -12.16 6.13
N VAL A 103 10.41 -13.25 6.53
CA VAL A 103 11.36 -13.24 7.63
C VAL A 103 12.72 -13.66 7.07
N THR A 104 13.77 -12.99 7.51
CA THR A 104 15.09 -13.25 6.97
C THR A 104 15.57 -14.66 7.32
N ALA A 105 15.35 -15.07 8.57
CA ALA A 105 15.82 -16.38 9.00
C ALA A 105 14.93 -16.92 10.11
N ILE A 106 14.99 -18.24 10.28
CA ILE A 106 14.23 -18.95 11.29
C ILE A 106 15.20 -19.51 12.31
N ILE A 107 15.23 -18.90 13.49
CA ILE A 107 16.03 -19.43 14.61
C ILE A 107 15.19 -20.55 15.21
N PHE A 108 15.49 -21.78 14.79
CA PHE A 108 14.74 -22.95 15.23
C PHE A 108 15.55 -23.64 16.32
N CYS A 109 15.52 -23.06 17.51
CA CYS A 109 16.30 -23.57 18.62
C CYS A 109 15.76 -24.93 19.07
N VAL A 110 16.68 -25.86 19.35
CA VAL A 110 16.33 -27.19 19.82
C VAL A 110 17.24 -27.54 20.98
N ASP A 111 16.65 -27.95 22.11
CA ASP A 111 17.43 -28.46 23.21
C ASP A 111 17.90 -29.88 22.93
N LEU A 112 19.10 -30.21 23.39
CA LEU A 112 19.68 -31.52 23.15
C LEU A 112 19.76 -32.40 24.39
N SER A 113 19.73 -31.82 25.58
CA SER A 113 19.77 -32.63 26.80
C SER A 113 18.55 -33.54 26.91
N ASP A 114 17.38 -33.04 26.56
CA ASP A 114 16.15 -33.81 26.65
C ASP A 114 16.00 -34.69 25.42
N TYR A 115 15.90 -36.00 25.63
CA TYR A 115 15.70 -36.93 24.53
C TYR A 115 15.12 -38.25 25.06
N ASN A 116 11.82 -38.77 24.18
CA ASN A 116 10.99 -37.69 24.71
C ASN A 116 10.43 -36.83 23.58
N ARG A 117 10.79 -35.55 23.61
CA ARG A 117 10.31 -34.60 22.61
C ARG A 117 11.27 -34.45 21.43
N MET A 118 12.34 -35.24 21.39
CA MET A 118 13.27 -35.15 20.26
C MET A 118 12.59 -35.55 18.96
N HIS A 119 11.79 -36.62 18.99
CA HIS A 119 11.09 -37.04 17.78
C HIS A 119 10.06 -36.01 17.34
N GLU A 120 9.31 -35.44 18.29
CA GLU A 120 8.35 -34.41 17.92
C GLU A 120 9.05 -33.13 17.48
N SER A 121 10.21 -32.82 18.04
CA SER A 121 10.99 -31.69 17.57
C SER A 121 11.45 -31.91 16.13
N LEU A 122 11.89 -33.13 15.81
CA LEU A 122 12.26 -33.46 14.44
C LEU A 122 11.06 -33.34 13.51
N MET A 123 9.90 -33.80 13.98
CA MET A 123 8.67 -33.67 13.16
C MET A 123 8.47 -32.19 12.87
N LEU A 124 8.39 -31.37 13.93
CA LEU A 124 8.23 -29.91 13.75
C LEU A 124 9.20 -29.43 12.68
N PHE A 125 10.50 -29.70 12.87
CA PHE A 125 11.49 -29.20 11.92
C PHE A 125 11.15 -29.63 10.50
N ASP A 126 10.71 -30.89 10.34
CA ASP A 126 10.32 -31.37 9.01
C ASP A 126 9.13 -30.57 8.47
N SER A 127 8.16 -30.28 9.34
CA SER A 127 7.00 -29.51 8.91
C SER A 127 7.38 -28.09 8.51
N ILE A 128 8.19 -27.42 9.34
CA ILE A 128 8.51 -26.02 9.06
C ILE A 128 9.47 -25.89 7.88
N CYS A 129 10.39 -26.84 7.71
CA CYS A 129 11.40 -26.71 6.68
C CYS A 129 10.82 -26.88 5.28
N ASN A 130 9.81 -27.75 5.14
CA ASN A 130 9.20 -28.04 3.85
C ASN A 130 7.92 -27.27 3.62
N ASN A 131 7.60 -26.30 4.49
CA ASN A 131 6.42 -25.48 4.30
C ASN A 131 6.55 -24.64 3.03
N LYS A 132 5.41 -24.45 2.35
CA LYS A 132 5.43 -23.74 1.08
C LYS A 132 5.86 -22.29 1.26
N PHE A 133 5.43 -21.64 2.34
CA PHE A 133 5.83 -20.26 2.57
C PHE A 133 7.33 -20.16 2.84
N PHE A 134 7.89 -21.10 3.59
CA PHE A 134 9.31 -21.10 3.91
C PHE A 134 10.11 -22.05 3.02
N ILE A 135 9.70 -22.21 1.77
CA ILE A 135 10.39 -23.13 0.87
C ILE A 135 11.80 -22.64 0.58
N ASP A 136 12.04 -21.34 0.59
CA ASP A 136 13.35 -20.78 0.32
C ASP A 136 13.99 -20.08 1.51
N THR A 137 13.22 -19.77 2.56
CA THR A 137 13.79 -19.15 3.75
C THR A 137 14.72 -20.14 4.46
N SER A 138 15.91 -19.67 4.81
CA SER A 138 16.89 -20.53 5.46
C SER A 138 16.58 -20.66 6.93
N ILE A 139 17.34 -21.52 7.61
CA ILE A 139 17.12 -21.84 9.01
C ILE A 139 18.44 -21.71 9.77
N ILE A 140 18.43 -20.94 10.84
CA ILE A 140 19.58 -20.86 11.75
C ILE A 140 19.27 -21.83 12.88
N LEU A 141 19.68 -23.08 12.69
CA LEU A 141 19.36 -24.14 13.65
C LEU A 141 20.26 -24.03 14.87
N PHE A 142 19.64 -24.06 16.05
CA PHE A 142 20.34 -23.95 17.32
C PHE A 142 20.22 -25.24 18.09
N LEU A 143 21.36 -25.81 18.50
CA LEU A 143 21.40 -27.03 19.29
C LEU A 143 21.73 -26.63 20.73
N ASN A 144 20.70 -26.29 21.51
CA ASN A 144 20.88 -25.78 22.85
C ASN A 144 21.22 -26.91 23.82
N LYS A 145 21.67 -26.51 25.01
CA LYS A 145 21.96 -27.42 26.12
C LYS A 145 23.00 -28.46 25.71
N LYS A 146 24.17 -27.97 25.29
CA LYS A 146 25.24 -28.87 24.90
C LYS A 146 25.88 -29.53 26.12
N ASP A 147 26.15 -28.76 27.17
CA ASP A 147 26.84 -29.31 28.34
C ASP A 147 25.99 -30.36 29.03
N LEU A 148 24.70 -30.08 29.23
CA LEU A 148 23.82 -31.04 29.88
C LEU A 148 23.66 -32.30 29.02
N PHE A 149 23.56 -32.14 27.70
CA PHE A 149 23.48 -33.30 26.82
C PHE A 149 24.75 -34.14 26.92
N GLY A 150 25.91 -33.51 26.96
CA GLY A 150 27.15 -34.25 27.10
C GLY A 150 27.26 -34.95 28.45
N GLU A 151 26.74 -34.32 29.51
CA GLU A 151 26.76 -34.95 30.82
C GLU A 151 25.83 -36.15 30.86
N LYS A 152 24.68 -36.06 30.19
CA LYS A 152 23.68 -37.13 30.27
C LYS A 152 23.88 -38.23 29.23
N ILE A 153 24.64 -37.98 28.17
CA ILE A 153 24.82 -38.98 27.12
C ILE A 153 25.63 -40.17 27.64
N LYS A 154 26.63 -39.89 28.48
CA LYS A 154 27.45 -40.98 29.03
C LYS A 154 26.63 -41.88 29.94
N LYS A 155 25.70 -41.31 30.71
CA LYS A 155 24.84 -42.12 31.58
C LYS A 155 23.82 -42.91 30.77
N SER A 156 23.20 -42.27 29.79
CA SER A 156 22.20 -42.92 28.94
C SER A 156 22.62 -42.84 27.48
N PRO A 157 23.06 -43.96 26.87
CA PRO A 157 23.40 -43.98 25.45
C PRO A 157 22.26 -43.40 24.62
N LEU A 158 22.59 -42.77 23.50
CA LEU A 158 21.60 -42.16 22.63
C LEU A 158 20.64 -43.18 22.02
N THR A 159 21.00 -44.45 22.03
CA THR A 159 20.28 -45.52 21.34
C THR A 159 18.77 -45.48 21.57
N ILE A 160 18.33 -44.88 22.68
CA ILE A 160 16.91 -44.73 22.96
C ILE A 160 16.27 -43.91 21.84
N CYS A 161 16.95 -42.84 21.42
CA CYS A 161 16.49 -42.00 20.33
C CYS A 161 17.31 -42.34 19.08
N PHE A 162 16.61 -42.63 17.99
CA PHE A 162 17.21 -43.03 16.72
C PHE A 162 18.11 -44.25 16.92
N PRO A 163 17.54 -45.43 17.22
CA PRO A 163 18.36 -46.63 17.41
C PRO A 163 18.94 -47.20 16.12
N GLU A 164 18.56 -46.66 14.96
CA GLU A 164 18.99 -47.25 13.69
C GLU A 164 20.49 -47.12 13.51
N TYR A 165 21.04 -45.92 13.69
CA TYR A 165 22.46 -45.68 13.47
C TYR A 165 23.03 -44.80 14.58
N THR A 166 22.66 -45.08 15.84
CA THR A 166 23.19 -44.30 16.94
C THR A 166 24.70 -44.46 17.08
N GLY A 167 25.23 -45.62 16.70
CA GLY A 167 26.65 -45.88 16.76
C GLY A 167 27.20 -45.77 18.16
N PRO A 168 28.41 -45.22 18.28
CA PRO A 168 29.00 -45.03 19.61
C PRO A 168 28.29 -43.93 20.38
N ASN A 169 28.40 -44.01 21.71
CA ASN A 169 27.87 -42.99 22.61
C ASN A 169 28.86 -41.85 22.84
N THR A 170 29.78 -41.64 21.92
CA THR A 170 30.80 -40.61 22.07
C THR A 170 30.16 -39.23 22.08
N TYR A 171 30.79 -38.30 22.81
CA TYR A 171 30.29 -36.94 22.95
C TYR A 171 30.01 -36.30 21.59
N GLU A 172 31.04 -36.16 20.76
CA GLU A 172 30.89 -35.45 19.50
C GLU A 172 30.20 -36.29 18.42
N ASP A 173 30.33 -37.63 18.48
CA ASP A 173 29.65 -38.48 17.51
C ASP A 173 28.14 -38.35 17.61
N ALA A 174 27.61 -38.31 18.83
CA ALA A 174 26.16 -38.16 18.99
C ALA A 174 25.68 -36.83 18.45
N ALA A 175 26.42 -35.76 18.72
CA ALA A 175 26.04 -34.45 18.20
C ALA A 175 26.10 -34.43 16.68
N ALA A 176 27.13 -35.03 16.09
CA ALA A 176 27.22 -35.09 14.64
C ALA A 176 26.06 -35.88 14.04
N TYR A 177 25.69 -37.00 14.68
CA TYR A 177 24.57 -37.79 14.19
C TYR A 177 23.27 -36.99 14.25
N ILE A 178 23.03 -36.31 15.37
CA ILE A 178 21.82 -35.51 15.51
C ILE A 178 21.78 -34.41 14.46
N GLN A 179 22.91 -33.74 14.25
CA GLN A 179 22.98 -32.74 13.19
C GLN A 179 22.61 -33.35 11.84
N ALA A 180 23.32 -34.41 11.45
CA ALA A 180 23.08 -35.03 10.15
C ALA A 180 21.62 -35.44 9.99
N GLN A 181 20.99 -35.91 11.06
CA GLN A 181 19.56 -36.18 11.02
C GLN A 181 18.78 -34.90 10.75
N PHE A 182 19.22 -33.77 11.32
CA PHE A 182 18.48 -32.53 11.13
C PHE A 182 18.60 -32.01 9.70
N GLU A 183 19.82 -31.97 9.16
CA GLU A 183 19.94 -31.55 7.75
C GLU A 183 19.27 -32.54 6.81
N SER A 184 19.22 -33.82 7.20
CA SER A 184 18.61 -34.82 6.32
C SER A 184 17.12 -34.55 6.09
N LYS A 185 16.48 -33.85 7.03
CA LYS A 185 15.07 -33.51 6.88
C LYS A 185 14.82 -32.41 5.87
N ASN A 186 15.86 -31.76 5.36
CA ASN A 186 15.73 -30.67 4.41
C ASN A 186 15.94 -31.20 3.00
N ARG A 187 14.92 -31.06 2.15
CA ARG A 187 15.03 -31.40 0.74
C ARG A 187 15.03 -30.18 -0.16
N SER A 188 15.12 -28.97 0.41
CA SER A 188 15.15 -27.76 -0.41
C SER A 188 16.56 -27.57 -0.97
N PRO A 189 16.71 -27.45 -2.29
CA PRO A 189 18.06 -27.33 -2.87
C PRO A 189 18.81 -26.07 -2.43
N ASN A 190 18.10 -24.98 -2.18
CA ASN A 190 18.76 -23.71 -1.89
C ASN A 190 18.39 -23.17 -0.52
N LYS A 191 18.39 -24.04 0.50
CA LYS A 191 18.09 -23.64 1.87
C LYS A 191 19.20 -24.18 2.77
N GLU A 192 20.28 -23.41 2.91
CA GLU A 192 21.38 -23.82 3.77
C GLU A 192 20.96 -23.69 5.23
N ILE A 193 21.26 -24.71 6.03
CA ILE A 193 20.89 -24.74 7.43
C ILE A 193 22.17 -24.47 8.24
N TYR A 194 22.29 -23.25 8.76
CA TYR A 194 23.50 -22.82 9.47
C TYR A 194 23.39 -23.29 10.92
N CYS A 195 23.60 -24.60 11.10
CA CYS A 195 23.58 -25.17 12.43
C CYS A 195 24.76 -24.64 13.24
N HIS A 196 24.47 -24.19 14.47
CA HIS A 196 25.49 -23.77 15.41
C HIS A 196 25.30 -24.56 16.70
N MET A 197 26.34 -25.28 17.10
CA MET A 197 26.28 -26.10 18.31
C MET A 197 26.36 -25.16 19.50
N THR A 198 25.20 -24.77 20.02
CA THR A 198 25.13 -23.76 21.06
C THR A 198 25.92 -24.19 22.29
N CYS A 199 26.77 -23.29 22.79
CA CYS A 199 27.62 -23.59 23.93
C CYS A 199 26.84 -23.32 25.23
N ALA A 200 25.88 -24.21 25.48
CA ALA A 200 25.03 -24.16 26.67
C ALA A 200 24.33 -22.81 26.80
N THR A 201 24.69 -22.04 27.82
CA THR A 201 24.06 -20.74 28.09
C THR A 201 25.07 -19.60 28.02
N ASP A 202 26.17 -19.80 27.29
CA ASP A 202 27.16 -18.75 27.15
C ASP A 202 26.70 -17.71 26.13
N THR A 203 26.97 -16.43 26.43
CA THR A 203 26.47 -15.32 25.62
C THR A 203 27.43 -15.08 24.46
N ASN A 204 27.21 -15.83 23.38
CA ASN A 204 27.95 -15.64 22.15
C ASN A 204 27.07 -15.80 20.91
N ASN A 205 25.75 -15.95 21.07
CA ASN A 205 24.87 -16.21 19.94
C ASN A 205 24.76 -15.02 19.00
N ALA A 206 25.08 -13.81 19.47
CA ALA A 206 24.93 -12.63 18.64
C ALA A 206 25.82 -12.70 17.40
N GLN A 207 27.07 -13.14 17.57
CA GLN A 207 28.00 -13.18 16.45
C GLN A 207 27.56 -14.17 15.39
N VAL A 208 27.13 -15.37 15.81
CA VAL A 208 26.71 -16.38 14.83
C VAL A 208 25.41 -15.94 14.16
N ILE A 209 24.50 -15.34 14.90
CA ILE A 209 23.29 -14.80 14.27
C ILE A 209 23.67 -13.76 13.22
N PHE A 210 24.59 -12.87 13.57
CA PHE A 210 24.97 -11.78 12.67
C PHE A 210 25.62 -12.30 11.40
N ASP A 211 26.60 -13.21 11.52
CA ASP A 211 27.27 -13.63 10.31
C ASP A 211 26.39 -14.57 9.48
N ALA A 212 25.53 -15.36 10.14
CA ALA A 212 24.57 -16.17 9.38
C ALA A 212 23.62 -15.29 8.57
N VAL A 213 23.07 -14.24 9.20
CA VAL A 213 22.14 -13.39 8.47
C VAL A 213 22.87 -12.58 7.40
N THR A 214 24.12 -12.21 7.65
CA THR A 214 24.92 -11.53 6.63
C THR A 214 25.10 -12.43 5.41
N ASP A 215 25.39 -13.72 5.64
CA ASP A 215 25.42 -14.66 4.53
C ASP A 215 24.07 -14.71 3.83
N ILE A 216 22.99 -14.85 4.60
CA ILE A 216 21.67 -14.96 4.00
C ILE A 216 21.41 -13.82 3.04
N ILE A 217 21.72 -12.59 3.46
CA ILE A 217 21.58 -11.45 2.57
C ILE A 217 22.52 -11.56 1.37
N LEU A 218 23.73 -12.07 1.59
CA LEU A 218 24.71 -12.15 0.51
C LEU A 218 24.24 -13.08 -0.62
N GLN A 219 23.88 -14.31 -0.27
CA GLN A 219 23.35 -15.21 -1.31
C GLN A 219 21.99 -14.78 -1.82
N MET A 220 21.19 -14.07 -1.01
CA MET A 220 19.92 -13.57 -1.51
C MET A 220 20.15 -12.56 -2.63
N ASN A 221 21.09 -11.63 -2.42
CA ASN A 221 21.44 -10.69 -3.47
C ASN A 221 22.08 -11.40 -4.66
N LEU A 222 22.92 -12.40 -4.40
CA LEU A 222 23.60 -13.11 -5.47
C LEU A 222 22.60 -13.80 -6.40
N ARG A 223 21.59 -14.45 -5.83
CA ARG A 223 20.56 -15.07 -6.65
C ARG A 223 19.56 -14.04 -7.18
N GLU A 224 19.48 -12.88 -6.55
CA GLU A 224 18.57 -11.84 -7.04
C GLU A 224 19.05 -11.25 -8.36
N TYR A 225 20.38 -11.12 -8.52
CA TYR A 225 20.96 -10.51 -9.70
C TYR A 225 21.12 -11.49 -10.86
N ASN A 226 20.45 -12.64 -10.80
CA ASN A 226 20.49 -13.64 -11.88
C ASN A 226 21.92 -14.05 -12.20
N LEU A 227 22.76 -14.13 -11.17
CA LEU A 227 24.15 -14.54 -11.35
C LEU A 227 24.17 -16.06 -11.32
N VAL A 228 23.78 -16.65 -12.44
CA VAL A 228 23.71 -18.10 -12.58
C VAL A 228 23.66 -18.48 -14.05
N GLU B 17 -26.04 -43.88 29.23
CA GLU B 17 -24.59 -44.13 29.22
C GLU B 17 -23.92 -43.37 28.08
N LEU B 18 -22.58 -43.33 28.12
CA LEU B 18 -21.85 -42.60 27.10
C LEU B 18 -22.06 -43.23 25.71
N ASP B 19 -22.04 -44.56 25.64
CA ASP B 19 -22.26 -45.23 24.36
C ASP B 19 -23.66 -44.95 23.83
N GLN B 20 -24.66 -44.90 24.72
CA GLN B 20 -26.01 -44.54 24.31
C GLN B 20 -26.03 -43.12 23.74
N LEU B 21 -25.30 -42.20 24.37
CA LEU B 21 -25.26 -40.82 23.88
C LEU B 21 -24.59 -40.73 22.52
N ARG B 22 -23.51 -41.48 22.30
CA ARG B 22 -22.88 -41.51 20.97
C ARG B 22 -23.82 -42.09 19.93
N GLN B 23 -24.54 -43.16 20.29
CA GLN B 23 -25.50 -43.75 19.35
C GLN B 23 -26.61 -42.76 19.03
N GLU B 24 -27.09 -42.02 20.04
CA GLU B 24 -28.12 -41.02 19.80
C GLU B 24 -27.60 -39.90 18.91
N ALA B 25 -26.35 -39.49 19.10
CA ALA B 25 -25.76 -38.46 18.24
C ALA B 25 -25.66 -38.95 16.80
N GLU B 26 -25.24 -40.21 16.61
CA GLU B 26 -25.15 -40.76 15.26
C GLU B 26 -26.54 -40.84 14.63
N GLN B 27 -27.54 -41.26 15.40
CA GLN B 27 -28.91 -41.29 14.89
C GLN B 27 -29.41 -39.91 14.52
N LEU B 28 -29.03 -38.89 15.31
CA LEU B 28 -29.41 -37.52 14.98
C LEU B 28 -28.73 -37.06 13.70
N LYS B 29 -27.46 -37.44 13.49
CA LYS B 29 -26.80 -37.14 12.23
C LYS B 29 -27.53 -37.79 11.06
N ASN B 30 -27.92 -39.06 11.24
CA ASN B 30 -28.66 -39.75 10.19
C ASN B 30 -29.99 -39.08 9.91
N GLN B 31 -30.69 -38.63 10.97
CA GLN B 31 -31.94 -37.93 10.78
C GLN B 31 -31.74 -36.62 10.03
N ILE B 32 -30.69 -35.87 10.37
CA ILE B 32 -30.40 -34.62 9.68
C ILE B 32 -30.14 -34.90 8.20
N ARG B 33 -29.31 -35.91 7.91
CA ARG B 33 -29.00 -36.23 6.53
C ARG B 33 -30.24 -36.65 5.75
N ASP B 34 -31.09 -37.48 6.36
CA ASP B 34 -32.30 -37.93 5.69
C ASP B 34 -33.26 -36.77 5.44
N ALA B 35 -33.41 -35.88 6.42
CA ALA B 35 -34.27 -34.72 6.23
C ALA B 35 -33.74 -33.82 5.12
N ARG B 36 -32.43 -33.60 5.09
CA ARG B 36 -31.85 -32.79 4.03
C ARG B 36 -32.06 -33.43 2.66
N LYS B 37 -31.85 -34.74 2.56
CA LYS B 37 -31.99 -35.42 1.28
C LYS B 37 -33.44 -35.41 0.81
N ALA B 38 -34.39 -35.68 1.70
CA ALA B 38 -35.79 -35.67 1.32
C ALA B 38 -36.24 -34.26 0.95
N CYS B 39 -35.75 -33.24 1.67
CA CYS B 39 -36.10 -31.86 1.37
C CYS B 39 -35.47 -31.38 0.07
N ALA B 40 -34.38 -32.02 -0.38
CA ALA B 40 -33.71 -31.64 -1.61
C ALA B 40 -34.42 -32.31 -2.79
N ASP B 41 -35.61 -31.80 -3.10
CA ASP B 41 -36.40 -32.34 -4.19
C ASP B 41 -35.68 -32.18 -5.53
N ALA B 42 -35.07 -31.02 -5.75
CA ALA B 42 -34.31 -30.74 -6.95
C ALA B 42 -33.14 -29.84 -6.59
N THR B 43 -32.32 -29.52 -7.60
CA THR B 43 -31.19 -28.61 -7.44
C THR B 43 -31.37 -27.43 -8.39
N LEU B 44 -30.76 -26.30 -8.02
CA LEU B 44 -30.97 -25.09 -8.79
C LEU B 44 -30.41 -25.23 -10.20
N SER B 45 -29.39 -26.07 -10.38
CA SER B 45 -28.84 -26.32 -11.71
C SER B 45 -29.91 -26.84 -12.67
N GLN B 46 -30.88 -27.61 -12.15
CA GLN B 46 -31.95 -28.10 -13.02
C GLN B 46 -32.90 -27.00 -13.42
N ILE B 47 -33.00 -25.92 -12.63
CA ILE B 47 -33.93 -24.84 -12.91
C ILE B 47 -33.24 -23.53 -13.25
N THR B 48 -31.93 -23.41 -13.01
CA THR B 48 -31.24 -22.17 -13.37
C THR B 48 -31.07 -22.03 -14.88
N ASN B 49 -31.26 -23.10 -15.65
CA ASN B 49 -31.11 -23.03 -17.09
C ASN B 49 -32.28 -22.26 -17.71
N ASN B 50 -32.25 -22.15 -19.04
CA ASN B 50 -33.26 -21.40 -19.79
C ASN B 50 -33.32 -19.93 -19.37
N ILE B 51 -32.20 -19.40 -18.90
CA ILE B 51 -32.08 -17.99 -18.56
C ILE B 51 -30.84 -17.43 -19.24
N ASP B 52 -30.81 -16.12 -19.37
CA ASP B 52 -29.69 -15.46 -20.03
C ASP B 52 -28.46 -15.46 -19.12
N PRO B 53 -27.33 -16.00 -19.57
CA PRO B 53 -26.10 -15.89 -18.77
C PRO B 53 -25.63 -14.45 -18.69
N VAL B 54 -24.92 -14.14 -17.61
CA VAL B 54 -24.39 -12.78 -17.44
C VAL B 54 -23.43 -12.44 -18.57
N GLY B 55 -22.70 -13.43 -19.08
CA GLY B 55 -21.81 -13.23 -20.20
C GLY B 55 -20.46 -12.68 -19.77
N ARG B 56 -19.57 -12.59 -20.76
CA ARG B 56 -18.24 -12.04 -20.52
C ARG B 56 -18.33 -10.61 -20.02
N ILE B 57 -17.64 -10.34 -18.92
CA ILE B 57 -17.51 -9.00 -18.35
C ILE B 57 -16.05 -8.79 -17.96
N GLN B 58 -15.46 -7.71 -18.46
CA GLN B 58 -14.10 -7.33 -18.11
C GLN B 58 -14.14 -6.11 -17.21
N MET B 59 -13.43 -6.20 -16.08
CA MET B 59 -13.30 -5.09 -15.15
C MET B 59 -11.87 -4.61 -15.21
N ARG B 60 -11.67 -3.36 -15.59
CA ARG B 60 -10.35 -2.75 -15.62
C ARG B 60 -10.08 -1.99 -14.33
N THR B 61 -8.81 -1.88 -13.99
CA THR B 61 -8.44 -1.23 -12.74
C THR B 61 -8.69 0.27 -12.85
N ARG B 62 -9.86 0.71 -12.39
CA ARG B 62 -10.18 2.13 -12.46
C ARG B 62 -9.23 2.95 -11.61
N ARG B 63 -8.86 2.45 -10.44
CA ARG B 63 -7.89 3.15 -9.60
C ARG B 63 -6.95 2.15 -8.95
N THR B 64 -5.70 2.55 -8.83
CA THR B 64 -4.69 1.80 -8.10
C THR B 64 -4.28 2.59 -6.87
N LEU B 65 -4.41 1.97 -5.70
CA LEU B 65 -4.22 2.63 -4.42
C LEU B 65 -2.90 2.16 -3.84
N ARG B 66 -1.90 3.04 -3.85
CA ARG B 66 -0.57 2.73 -3.38
C ARG B 66 -0.25 3.50 -2.11
N GLY B 67 0.76 3.03 -1.41
CA GLY B 67 1.20 3.66 -0.18
C GLY B 67 1.56 2.64 0.88
N HIS B 68 0.85 1.51 0.91
CA HIS B 68 1.20 0.45 1.82
C HIS B 68 2.48 -0.25 1.36
N LEU B 69 3.17 -0.88 2.32
CA LEU B 69 4.45 -1.53 2.01
C LEU B 69 4.59 -2.89 2.69
N ALA B 70 3.48 -3.56 2.98
CA ALA B 70 3.53 -4.89 3.59
C ALA B 70 2.32 -5.67 3.10
N LYS B 71 2.02 -6.79 3.76
CA LYS B 71 0.97 -7.70 3.32
C LYS B 71 -0.38 -7.07 3.63
N ILE B 72 -1.12 -6.67 2.59
CA ILE B 72 -2.50 -6.23 2.79
C ILE B 72 -3.35 -7.44 3.12
N TYR B 73 -4.01 -7.40 4.27
CA TYR B 73 -4.86 -8.51 4.70
C TYR B 73 -6.35 -8.21 4.59
N ALA B 74 -6.80 -7.10 5.15
CA ALA B 74 -8.24 -6.82 5.22
C ALA B 74 -8.54 -5.40 4.79
N MET B 75 -9.69 -5.24 4.15
CA MET B 75 -10.26 -3.93 3.85
C MET B 75 -11.73 -3.96 4.23
N HIS B 76 -12.35 -2.79 4.32
CA HIS B 76 -13.78 -2.73 4.57
C HIS B 76 -14.35 -1.44 4.00
N TRP B 77 -15.21 -1.57 3.00
CA TRP B 77 -16.02 -0.45 2.54
C TRP B 77 -16.92 0.07 3.66
N GLY B 78 -16.93 1.38 3.84
CA GLY B 78 -17.89 1.99 4.74
C GLY B 78 -19.25 2.15 4.10
N THR B 79 -20.23 2.48 4.94
CA THR B 79 -21.56 2.75 4.42
C THR B 79 -21.61 3.99 3.54
N ASP B 80 -20.60 4.86 3.64
CA ASP B 80 -20.49 6.00 2.74
C ASP B 80 -20.30 5.55 1.29
N SER B 81 -19.85 4.31 1.09
CA SER B 81 -19.56 3.71 -0.21
C SER B 81 -18.40 4.39 -0.92
N ARG B 82 -17.72 5.32 -0.26
CA ARG B 82 -16.55 5.99 -0.82
C ARG B 82 -15.29 5.74 -0.01
N LEU B 83 -15.33 5.96 1.29
CA LEU B 83 -14.17 5.72 2.13
C LEU B 83 -13.90 4.23 2.27
N LEU B 84 -12.64 3.88 2.53
CA LEU B 84 -12.27 2.49 2.79
C LEU B 84 -11.14 2.48 3.81
N VAL B 85 -10.76 1.28 4.24
CA VAL B 85 -9.72 1.10 5.26
C VAL B 85 -8.82 -0.05 4.85
N SER B 86 -7.61 -0.06 5.39
CA SER B 86 -6.65 -1.12 5.06
C SER B 86 -5.65 -1.31 6.19
N ALA B 87 -5.09 -2.53 6.28
CA ALA B 87 -4.16 -2.93 7.32
C ALA B 87 -3.02 -3.76 6.72
N SER B 88 -1.89 -3.79 7.43
CA SER B 88 -0.73 -4.57 7.01
C SER B 88 0.28 -4.61 8.15
N GLN B 89 1.42 -5.27 7.91
CA GLN B 89 2.57 -5.14 8.78
C GLN B 89 3.25 -3.78 8.69
N ASP B 90 2.66 -2.82 7.96
CA ASP B 90 3.13 -1.44 8.03
C ASP B 90 3.09 -0.90 9.44
N GLY B 91 2.47 -1.62 10.37
CA GLY B 91 2.29 -1.14 11.72
C GLY B 91 1.20 -0.12 11.87
N LYS B 92 0.38 0.09 10.85
CA LYS B 92 -0.59 1.17 10.88
C LYS B 92 -1.77 0.87 9.97
N LEU B 93 -2.97 1.09 10.50
CA LEU B 93 -4.17 1.13 9.69
C LEU B 93 -4.20 2.43 8.91
N ILE B 94 -4.73 2.39 7.69
CA ILE B 94 -4.84 3.61 6.89
C ILE B 94 -6.23 3.66 6.28
N ILE B 95 -6.90 4.80 6.42
CA ILE B 95 -8.24 5.03 5.90
C ILE B 95 -8.13 5.95 4.69
N TRP B 96 -8.65 5.48 3.56
CA TRP B 96 -8.39 6.11 2.26
C TRP B 96 -9.69 6.64 1.69
N ASP B 97 -9.58 7.74 0.95
CA ASP B 97 -10.68 8.25 0.13
C ASP B 97 -10.53 7.66 -1.27
N SER B 98 -11.51 6.85 -1.69
CA SER B 98 -11.36 6.13 -2.95
C SER B 98 -11.52 7.07 -4.15
N TYR B 99 -12.44 8.03 -4.08
CA TYR B 99 -12.74 8.87 -5.23
C TYR B 99 -11.52 9.69 -5.66
N THR B 100 -10.92 10.42 -4.72
CA THR B 100 -9.76 11.23 -5.02
C THR B 100 -8.44 10.47 -4.87
N THR B 101 -8.49 9.21 -4.45
CA THR B 101 -7.31 8.35 -4.31
C THR B 101 -6.26 9.02 -3.42
N ASN B 102 -6.71 9.46 -2.25
CA ASN B 102 -5.81 9.99 -1.23
C ASN B 102 -6.28 9.47 0.13
N LYS B 103 -5.32 9.29 1.03
CA LYS B 103 -5.57 8.64 2.30
C LYS B 103 -5.94 9.67 3.36
N VAL B 104 -7.15 9.52 3.91
CA VAL B 104 -7.67 10.48 4.88
C VAL B 104 -6.92 10.37 6.21
N HIS B 105 -6.72 9.14 6.69
CA HIS B 105 -6.23 8.94 8.05
C HIS B 105 -5.15 7.87 8.06
N ALA B 106 -4.24 7.98 9.03
CA ALA B 106 -3.17 7.00 9.24
C ALA B 106 -3.06 6.72 10.74
N ILE B 107 -3.72 5.67 11.19
CA ILE B 107 -3.74 5.29 12.60
C ILE B 107 -2.53 4.39 12.85
N PRO B 108 -1.66 4.72 13.79
CA PRO B 108 -0.53 3.84 14.10
C PRO B 108 -0.95 2.69 15.01
N LEU B 109 -0.97 1.48 14.46
CA LEU B 109 -1.41 0.32 15.21
C LEU B 109 -0.42 -0.02 16.32
N ARG B 110 -0.95 -0.55 17.42
CA ARG B 110 -0.09 -0.96 18.53
C ARG B 110 0.76 -2.16 18.16
N SER B 111 0.18 -3.16 17.50
CA SER B 111 0.87 -4.37 17.09
C SER B 111 0.84 -4.48 15.58
N SER B 112 1.99 -4.78 14.98
CA SER B 112 2.09 -4.87 13.53
C SER B 112 1.31 -6.05 12.96
N TRP B 113 0.95 -7.02 13.80
CA TRP B 113 0.25 -8.23 13.33
C TRP B 113 -1.25 -8.00 13.45
N VAL B 114 -1.89 -7.71 12.33
CA VAL B 114 -3.33 -7.54 12.26
C VAL B 114 -3.87 -8.37 11.11
N MET B 115 -4.90 -9.16 11.37
CA MET B 115 -5.47 -10.04 10.38
C MET B 115 -6.83 -9.59 9.87
N THR B 116 -7.46 -8.61 10.51
CA THR B 116 -8.78 -8.17 10.09
C THR B 116 -9.02 -6.73 10.51
N CYS B 117 -9.88 -6.05 9.78
CA CYS B 117 -10.27 -4.69 10.06
C CYS B 117 -11.70 -4.48 9.61
N ALA B 118 -12.39 -3.57 10.28
CA ALA B 118 -13.80 -3.29 10.03
C ALA B 118 -14.06 -1.80 10.17
N TYR B 119 -14.97 -1.28 9.34
CA TYR B 119 -15.32 0.13 9.34
C TYR B 119 -16.77 0.25 9.77
N ALA B 120 -17.02 1.05 10.80
CA ALA B 120 -18.34 1.10 11.41
C ALA B 120 -19.36 1.66 10.43
N PRO B 121 -20.62 1.21 10.51
CA PRO B 121 -21.64 1.75 9.60
C PRO B 121 -21.86 3.23 9.73
N SER B 122 -21.72 3.80 10.93
CA SER B 122 -21.83 5.23 11.10
C SER B 122 -20.58 5.98 10.69
N GLY B 123 -19.46 5.29 10.50
CA GLY B 123 -18.21 5.92 10.14
C GLY B 123 -17.47 6.55 11.30
N ASN B 124 -18.01 6.48 12.51
CA ASN B 124 -17.37 7.08 13.67
C ASN B 124 -16.20 6.27 14.20
N TYR B 125 -16.26 4.94 14.09
CA TYR B 125 -15.26 4.08 14.68
C TYR B 125 -14.69 3.15 13.63
N VAL B 126 -13.48 2.65 13.91
CA VAL B 126 -12.86 1.62 13.10
C VAL B 126 -12.31 0.56 14.07
N ALA B 127 -12.20 -0.68 13.58
CA ALA B 127 -11.76 -1.79 14.41
C ALA B 127 -10.65 -2.56 13.71
N CYS B 128 -9.65 -2.96 14.48
CA CYS B 128 -8.57 -3.80 13.97
C CYS B 128 -8.35 -4.97 14.92
N GLY B 129 -7.90 -6.09 14.36
CA GLY B 129 -7.64 -7.26 15.16
C GLY B 129 -6.65 -8.18 14.47
N GLY B 130 -5.87 -8.89 15.28
CA GLY B 130 -4.88 -9.81 14.74
C GLY B 130 -4.31 -10.77 15.76
N LEU B 131 -3.04 -11.13 15.59
CA LEU B 131 -2.38 -12.06 16.48
C LEU B 131 -2.13 -11.48 17.86
N ASP B 132 -2.35 -10.18 18.06
CA ASP B 132 -2.16 -9.56 19.35
C ASP B 132 -3.21 -10.02 20.37
N ASN B 133 -4.26 -10.71 19.89
CA ASN B 133 -5.34 -11.27 20.70
C ASN B 133 -6.27 -10.20 21.28
N ILE B 134 -6.15 -8.95 20.83
CA ILE B 134 -6.94 -7.84 21.34
C ILE B 134 -7.59 -7.12 20.17
N CYS B 135 -8.87 -6.77 20.32
CA CYS B 135 -9.57 -6.00 19.30
C CYS B 135 -9.49 -4.52 19.66
N SER B 136 -8.87 -3.72 18.78
CA SER B 136 -8.70 -2.30 19.02
C SER B 136 -9.78 -1.52 18.30
N ILE B 137 -10.48 -0.64 19.03
CA ILE B 137 -11.50 0.24 18.50
C ILE B 137 -10.93 1.65 18.55
N TYR B 138 -10.72 2.24 17.38
CA TYR B 138 -10.23 3.60 17.24
C TYR B 138 -11.40 4.52 16.91
N ASN B 139 -11.43 5.68 17.55
CA ASN B 139 -12.56 6.61 17.46
C ASN B 139 -12.21 7.74 16.50
N LEU B 140 -12.80 7.71 15.31
CA LEU B 140 -12.69 8.82 14.38
C LEU B 140 -13.66 9.93 14.77
N LYS B 141 -13.60 11.04 14.05
CA LYS B 141 -14.54 12.15 14.21
C LYS B 141 -14.60 12.61 15.67
N THR B 142 -13.44 12.70 16.30
CA THR B 142 -13.33 13.15 17.67
C THR B 142 -12.98 14.63 17.72
N ARG B 143 -13.26 15.25 18.87
CA ARG B 143 -12.92 16.65 19.05
C ARG B 143 -11.42 16.87 18.98
N GLU B 144 -10.63 15.84 19.30
CA GLU B 144 -9.19 15.93 19.16
C GLU B 144 -8.81 15.88 17.68
N GLY B 145 -7.60 16.37 17.39
CA GLY B 145 -7.12 16.34 16.01
C GLY B 145 -6.86 14.94 15.51
N ASN B 146 -6.20 14.11 16.32
CA ASN B 146 -5.76 12.80 15.89
C ASN B 146 -6.83 11.74 16.19
N VAL B 147 -6.61 10.54 15.65
CA VAL B 147 -7.49 9.41 15.88
C VAL B 147 -6.99 8.67 17.11
N ARG B 148 -7.77 8.72 18.19
CA ARG B 148 -7.43 8.04 19.42
C ARG B 148 -8.00 6.62 19.43
N VAL B 149 -7.45 5.79 20.29
CA VAL B 149 -7.95 4.42 20.48
C VAL B 149 -9.08 4.46 21.50
N SER B 150 -10.29 4.16 21.04
CA SER B 150 -11.47 4.29 21.91
C SER B 150 -11.50 3.16 22.94
N ARG B 151 -11.24 1.93 22.52
CA ARG B 151 -11.48 0.80 23.40
C ARG B 151 -10.57 -0.36 23.03
N GLU B 152 -10.25 -1.18 24.02
CA GLU B 152 -9.53 -2.43 23.83
C GLU B 152 -10.39 -3.58 24.32
N LEU B 153 -10.59 -4.58 23.47
CA LEU B 153 -11.40 -5.74 23.77
C LEU B 153 -10.50 -6.95 23.96
N ALA B 154 -10.47 -7.49 25.17
CA ALA B 154 -9.66 -8.66 25.50
C ALA B 154 -10.54 -9.73 26.13
N GLY B 155 -10.15 -10.98 25.94
CA GLY B 155 -10.92 -12.10 26.42
C GLY B 155 -10.87 -13.26 25.45
N HIS B 156 -10.39 -13.00 24.24
CA HIS B 156 -10.19 -14.04 23.24
C HIS B 156 -8.77 -14.57 23.38
N THR B 157 -8.64 -15.85 23.76
CA THR B 157 -7.31 -16.45 23.86
C THR B 157 -6.71 -16.70 22.49
N GLY B 158 -7.55 -17.10 21.52
CA GLY B 158 -7.07 -17.29 20.18
C GLY B 158 -6.97 -16.00 19.40
N TYR B 159 -6.18 -16.04 18.33
CA TYR B 159 -5.96 -14.86 17.50
C TYR B 159 -7.22 -14.48 16.74
N LEU B 160 -7.50 -13.18 16.69
CA LEU B 160 -8.66 -12.67 15.98
C LEU B 160 -8.53 -12.92 14.48
N SER B 161 -9.67 -13.10 13.83
CA SER B 161 -9.64 -13.44 12.41
C SER B 161 -10.61 -12.59 11.59
N CYS B 162 -11.70 -12.12 12.21
CA CYS B 162 -12.68 -11.31 11.49
C CYS B 162 -13.56 -10.59 12.50
N CYS B 163 -13.64 -9.26 12.37
CA CYS B 163 -14.50 -8.45 13.21
C CYS B 163 -15.45 -7.64 12.33
N ARG B 164 -16.67 -7.47 12.80
CA ARG B 164 -17.68 -6.69 12.12
C ARG B 164 -18.46 -5.85 13.12
N PHE B 165 -19.05 -4.77 12.64
CA PHE B 165 -19.84 -3.86 13.46
C PHE B 165 -21.32 -4.11 13.23
N LEU B 166 -22.07 -4.36 14.32
CA LEU B 166 -23.52 -4.32 14.25
C LEU B 166 -24.01 -2.88 14.38
N ASP B 167 -23.73 -2.26 15.53
CA ASP B 167 -24.03 -0.85 15.77
C ASP B 167 -22.75 -0.15 16.20
N ASP B 168 -22.86 1.09 16.66
CA ASP B 168 -21.69 1.78 17.19
C ASP B 168 -21.24 1.22 18.54
N ASN B 169 -22.03 0.35 19.16
CA ASN B 169 -21.68 -0.21 20.46
C ASN B 169 -21.65 -1.73 20.49
N GLN B 170 -22.09 -2.42 19.44
CA GLN B 170 -22.10 -3.87 19.40
C GLN B 170 -21.17 -4.34 18.30
N ILE B 171 -20.19 -5.17 18.65
CA ILE B 171 -19.20 -5.68 17.70
C ILE B 171 -19.16 -7.20 17.77
N VAL B 172 -19.06 -7.85 16.61
CA VAL B 172 -18.99 -9.29 16.52
C VAL B 172 -17.58 -9.69 16.11
N THR B 173 -16.95 -10.57 16.88
CA THR B 173 -15.55 -10.91 16.69
C THR B 173 -15.37 -12.43 16.67
N SER B 174 -14.69 -12.93 15.64
CA SER B 174 -14.32 -14.34 15.55
C SER B 174 -12.82 -14.46 15.76
N SER B 175 -12.41 -15.34 16.67
CA SER B 175 -11.03 -15.43 17.08
C SER B 175 -10.49 -16.85 16.82
N GLY B 176 -9.25 -17.07 17.26
CA GLY B 176 -8.58 -18.34 17.12
C GLY B 176 -8.91 -19.37 18.17
N ASP B 177 -9.74 -19.02 19.16
CA ASP B 177 -10.12 -19.92 20.22
C ASP B 177 -11.36 -20.74 19.86
N THR B 178 -11.61 -20.92 18.55
CA THR B 178 -12.75 -21.67 18.04
C THR B 178 -14.08 -21.12 18.55
N THR B 179 -14.11 -19.85 18.95
CA THR B 179 -15.30 -19.25 19.52
C THR B 179 -15.50 -17.85 18.94
N CYS B 180 -16.77 -17.51 18.69
CA CYS B 180 -17.15 -16.16 18.31
C CYS B 180 -17.71 -15.44 19.54
N ALA B 181 -17.79 -14.12 19.45
CA ALA B 181 -18.27 -13.33 20.57
C ALA B 181 -18.97 -12.09 20.07
N LEU B 182 -19.90 -11.59 20.89
CA LEU B 182 -20.55 -10.31 20.68
C LEU B 182 -20.26 -9.45 21.89
N TRP B 183 -19.63 -8.30 21.64
CA TRP B 183 -19.13 -7.39 22.67
C TRP B 183 -19.95 -6.11 22.66
N ASP B 184 -20.22 -5.59 23.85
CA ASP B 184 -20.72 -4.23 24.02
C ASP B 184 -19.51 -3.33 24.20
N ILE B 185 -19.28 -2.44 23.23
CA ILE B 185 -18.05 -1.65 23.20
C ILE B 185 -17.98 -0.71 24.40
N GLU B 186 -19.13 -0.17 24.82
CA GLU B 186 -19.14 0.74 25.96
C GLU B 186 -18.65 0.03 27.22
N THR B 187 -19.27 -1.11 27.55
CA THR B 187 -18.85 -1.85 28.74
C THR B 187 -17.46 -2.46 28.55
N GLY B 188 -17.17 -2.94 27.35
CA GLY B 188 -15.91 -3.61 27.08
C GLY B 188 -15.88 -5.08 27.43
N GLN B 189 -17.01 -5.68 27.80
CA GLN B 189 -17.09 -7.08 28.15
C GLN B 189 -17.96 -7.82 27.14
N GLN B 190 -17.68 -9.11 26.97
CA GLN B 190 -18.42 -9.93 26.03
C GLN B 190 -19.89 -10.01 26.42
N THR B 191 -20.75 -9.41 25.60
CA THR B 191 -22.19 -9.54 25.83
C THR B 191 -22.64 -10.98 25.72
N THR B 192 -22.12 -11.70 24.72
CA THR B 192 -22.43 -13.12 24.62
C THR B 192 -21.32 -13.84 23.88
N THR B 193 -21.31 -15.17 24.00
CA THR B 193 -20.25 -16.00 23.44
C THR B 193 -20.86 -17.19 22.73
N PHE B 194 -20.21 -17.61 21.64
CA PHE B 194 -20.66 -18.72 20.81
C PHE B 194 -19.52 -19.71 20.69
N THR B 195 -19.72 -20.93 21.22
CA THR B 195 -18.66 -21.94 21.27
C THR B 195 -19.06 -23.23 20.58
N GLY B 196 -19.98 -23.17 19.62
CA GLY B 196 -20.40 -24.38 18.93
C GLY B 196 -19.31 -24.98 18.06
N HIS B 197 -18.46 -24.14 17.47
CA HIS B 197 -17.45 -24.62 16.55
C HIS B 197 -16.41 -25.48 17.25
N THR B 198 -15.87 -26.45 16.50
CA THR B 198 -14.81 -27.32 16.98
C THR B 198 -13.43 -26.81 16.55
N GLY B 199 -13.24 -26.62 15.25
CA GLY B 199 -12.00 -26.06 14.73
C GLY B 199 -11.95 -24.55 14.88
N ASP B 200 -10.80 -24.00 14.52
CA ASP B 200 -10.59 -22.56 14.62
C ASP B 200 -11.52 -21.82 13.66
N VAL B 201 -12.11 -20.73 14.14
CA VAL B 201 -13.08 -19.96 13.37
C VAL B 201 -12.33 -18.93 12.54
N MET B 202 -12.62 -18.90 11.23
CA MET B 202 -11.89 -18.06 10.30
C MET B 202 -12.60 -16.77 9.94
N SER B 203 -13.89 -16.82 9.60
CA SER B 203 -14.52 -15.59 9.10
C SER B 203 -15.99 -15.55 9.44
N LEU B 204 -16.44 -14.41 9.95
CA LEU B 204 -17.86 -14.20 10.25
C LEU B 204 -18.43 -13.14 9.31
N SER B 205 -19.69 -13.32 8.94
CA SER B 205 -20.43 -12.37 8.13
C SER B 205 -21.73 -12.03 8.84
N LEU B 206 -22.03 -10.73 8.94
CA LEU B 206 -23.28 -10.27 9.51
C LEU B 206 -24.39 -10.26 8.46
N ALA B 207 -25.61 -10.50 8.91
CA ALA B 207 -26.74 -10.49 8.00
C ALA B 207 -27.11 -9.07 7.62
N PRO B 208 -27.72 -8.87 6.44
CA PRO B 208 -28.14 -7.52 6.06
C PRO B 208 -29.10 -6.88 7.04
N ASP B 209 -29.98 -7.66 7.65
CA ASP B 209 -30.91 -7.15 8.66
C ASP B 209 -30.34 -7.19 10.07
N THR B 210 -29.09 -7.62 10.23
CA THR B 210 -28.42 -7.68 11.53
C THR B 210 -29.18 -8.56 12.52
N ARG B 211 -29.94 -9.52 12.01
CA ARG B 211 -30.69 -10.44 12.85
C ARG B 211 -29.93 -11.74 13.12
N LEU B 212 -29.03 -12.12 12.23
CA LEU B 212 -28.26 -13.35 12.34
C LEU B 212 -26.84 -13.07 11.87
N PHE B 213 -25.95 -14.04 12.06
CA PHE B 213 -24.63 -13.94 11.46
C PHE B 213 -24.00 -15.33 11.37
N VAL B 214 -23.29 -15.57 10.27
CA VAL B 214 -22.68 -16.87 10.02
C VAL B 214 -21.20 -16.78 10.33
N SER B 215 -20.59 -17.93 10.63
CA SER B 215 -19.16 -18.01 10.87
C SER B 215 -18.62 -19.30 10.29
N GLY B 216 -17.67 -19.19 9.37
CA GLY B 216 -16.98 -20.34 8.80
C GLY B 216 -15.66 -20.58 9.52
N ALA B 217 -15.39 -21.85 9.81
CA ALA B 217 -14.28 -22.22 10.67
C ALA B 217 -13.33 -23.22 10.02
N CYS B 218 -12.37 -23.72 10.81
CA CYS B 218 -11.34 -24.63 10.29
C CYS B 218 -11.84 -26.06 10.11
N ASP B 219 -12.96 -26.43 10.70
CA ASP B 219 -13.49 -27.77 10.60
C ASP B 219 -14.40 -27.96 9.38
N ALA B 220 -14.21 -27.14 8.34
CA ALA B 220 -15.03 -27.21 7.13
C ALA B 220 -16.51 -27.03 7.43
N SER B 221 -16.83 -26.16 8.40
CA SER B 221 -18.21 -25.96 8.83
C SER B 221 -18.51 -24.49 8.95
N ALA B 222 -19.72 -24.12 8.55
CA ALA B 222 -20.24 -22.77 8.70
C ALA B 222 -21.46 -22.82 9.61
N LYS B 223 -21.40 -22.10 10.72
CA LYS B 223 -22.45 -22.11 11.73
C LYS B 223 -23.18 -20.77 11.76
N LEU B 224 -24.51 -20.83 11.66
CA LEU B 224 -25.35 -19.68 11.88
C LEU B 224 -25.49 -19.40 13.37
N TRP B 225 -25.62 -18.14 13.73
CA TRP B 225 -25.84 -17.75 15.11
C TRP B 225 -26.84 -16.61 15.17
N ASP B 226 -27.74 -16.69 16.13
CA ASP B 226 -28.62 -15.57 16.43
C ASP B 226 -27.86 -14.54 17.26
N VAL B 227 -28.15 -13.27 17.03
CA VAL B 227 -27.29 -12.20 17.55
C VAL B 227 -27.42 -12.09 19.08
N ARG B 228 -28.65 -12.18 19.61
CA ARG B 228 -28.86 -11.87 21.02
C ARG B 228 -28.74 -13.10 21.93
N GLU B 229 -29.63 -14.08 21.75
CA GLU B 229 -29.60 -15.25 22.64
C GLU B 229 -28.43 -16.18 22.32
N GLY B 230 -28.20 -16.46 21.03
CA GLY B 230 -26.91 -16.95 20.61
C GLY B 230 -26.62 -18.44 20.73
N MET B 231 -27.54 -19.30 20.28
CA MET B 231 -27.18 -20.70 20.07
C MET B 231 -27.07 -20.95 18.57
N CYS B 232 -26.31 -21.98 18.19
CA CYS B 232 -26.10 -22.29 16.78
C CYS B 232 -27.39 -22.83 16.19
N ARG B 233 -28.14 -21.95 15.50
CA ARG B 233 -29.40 -22.37 14.91
C ARG B 233 -29.19 -23.40 13.81
N GLN B 234 -28.13 -23.24 13.02
CA GLN B 234 -27.95 -24.00 11.80
C GLN B 234 -26.46 -24.28 11.60
N THR B 235 -26.16 -25.44 11.04
CA THR B 235 -24.78 -25.82 10.78
C THR B 235 -24.68 -26.47 9.40
N PHE B 236 -23.80 -25.94 8.56
CA PHE B 236 -23.62 -26.42 7.21
C PHE B 236 -22.21 -26.98 7.04
N THR B 237 -22.13 -28.13 6.39
CA THR B 237 -20.85 -28.77 6.08
C THR B 237 -20.89 -29.25 4.64
N GLY B 238 -19.73 -29.69 4.15
CA GLY B 238 -19.61 -30.13 2.78
C GLY B 238 -18.30 -29.74 2.16
N HIS B 239 -17.56 -28.86 2.82
CA HIS B 239 -16.22 -28.52 2.37
C HIS B 239 -15.25 -29.65 2.66
N GLU B 240 -14.31 -29.86 1.75
CA GLU B 240 -13.28 -30.87 1.92
C GLU B 240 -12.06 -30.36 2.65
N SER B 241 -12.02 -29.07 2.99
CA SER B 241 -10.86 -28.48 3.65
C SER B 241 -11.30 -27.25 4.42
N ASP B 242 -10.32 -26.48 4.89
CA ASP B 242 -10.59 -25.35 5.77
C ASP B 242 -11.32 -24.23 5.04
N ILE B 243 -12.32 -23.66 5.71
CA ILE B 243 -13.06 -22.51 5.20
C ILE B 243 -12.27 -21.24 5.50
N ASN B 244 -12.05 -20.42 4.47
CA ASN B 244 -11.21 -19.23 4.61
C ASN B 244 -11.99 -17.94 4.74
N ALA B 245 -13.12 -17.79 4.05
CA ALA B 245 -13.90 -16.57 4.14
C ALA B 245 -15.35 -16.85 3.83
N ILE B 246 -16.23 -15.98 4.34
CA ILE B 246 -17.67 -16.16 4.26
C ILE B 246 -18.32 -14.81 3.99
N CYS B 247 -19.54 -14.85 3.46
CA CYS B 247 -20.31 -13.64 3.19
C CYS B 247 -21.76 -14.01 2.88
N PHE B 248 -22.69 -13.24 3.42
CA PHE B 248 -24.10 -13.44 3.12
C PHE B 248 -24.45 -13.03 1.69
N PHE B 249 -25.48 -13.69 1.16
CA PHE B 249 -26.18 -13.17 0.01
C PHE B 249 -26.85 -11.84 0.40
N PRO B 250 -26.97 -10.89 -0.54
CA PRO B 250 -27.63 -9.62 -0.20
C PRO B 250 -29.05 -9.80 0.31
N ASN B 251 -29.76 -10.82 -0.16
CA ASN B 251 -31.10 -11.09 0.35
C ASN B 251 -31.08 -11.43 1.84
N GLY B 252 -29.99 -12.00 2.32
CA GLY B 252 -29.88 -12.42 3.70
C GLY B 252 -30.38 -13.81 3.99
N ASN B 253 -30.95 -14.50 3.00
CA ASN B 253 -31.44 -15.85 3.16
C ASN B 253 -30.49 -16.89 2.61
N ALA B 254 -29.26 -16.50 2.28
CA ALA B 254 -28.26 -17.42 1.75
C ALA B 254 -26.89 -16.82 2.00
N PHE B 255 -25.86 -17.67 1.86
CA PHE B 255 -24.49 -17.19 2.02
C PHE B 255 -23.55 -18.14 1.30
N ALA B 256 -22.48 -17.58 0.75
CA ALA B 256 -21.47 -18.34 0.03
C ALA B 256 -20.13 -18.19 0.74
N THR B 257 -19.31 -19.24 0.66
CA THR B 257 -18.03 -19.24 1.34
C THR B 257 -17.02 -20.05 0.54
N GLY B 258 -15.75 -19.69 0.69
CA GLY B 258 -14.66 -20.34 -0.01
C GLY B 258 -13.78 -21.11 0.95
N SER B 259 -13.08 -22.12 0.42
CA SER B 259 -12.23 -22.98 1.23
C SER B 259 -10.90 -23.21 0.54
N ASP B 260 -10.03 -23.94 1.22
CA ASP B 260 -8.73 -24.32 0.67
C ASP B 260 -8.83 -25.36 -0.42
N ASP B 261 -9.98 -26.00 -0.59
CA ASP B 261 -10.17 -27.02 -1.61
C ASP B 261 -10.37 -26.44 -3.01
N ALA B 262 -10.09 -25.16 -3.19
CA ALA B 262 -10.21 -24.47 -4.49
C ALA B 262 -11.65 -24.47 -4.99
N THR B 263 -12.61 -24.52 -4.07
CA THR B 263 -14.03 -24.47 -4.43
C THR B 263 -14.74 -23.48 -3.53
N CYS B 264 -15.83 -22.91 -4.04
CA CYS B 264 -16.75 -22.12 -3.25
C CYS B 264 -18.07 -22.86 -3.14
N ARG B 265 -18.81 -22.62 -2.05
CA ARG B 265 -20.09 -23.26 -1.85
C ARG B 265 -21.14 -22.22 -1.49
N LEU B 266 -22.36 -22.44 -1.98
CA LEU B 266 -23.49 -21.57 -1.68
C LEU B 266 -24.52 -22.34 -0.89
N PHE B 267 -24.79 -21.89 0.33
CA PHE B 267 -25.78 -22.50 1.21
C PHE B 267 -26.98 -21.57 1.35
N ASP B 268 -28.14 -22.17 1.56
CA ASP B 268 -29.37 -21.44 1.86
C ASP B 268 -29.76 -21.68 3.31
N LEU B 269 -30.28 -20.64 3.96
CA LEU B 269 -30.62 -20.77 5.37
C LEU B 269 -31.92 -21.54 5.57
N ARG B 270 -32.86 -21.42 4.64
CA ARG B 270 -34.14 -22.12 4.76
C ARG B 270 -34.10 -23.55 4.23
N ALA B 271 -33.02 -23.92 3.54
CA ALA B 271 -32.82 -25.30 3.09
C ALA B 271 -31.36 -25.65 3.34
N ASP B 272 -31.13 -26.61 4.24
CA ASP B 272 -29.78 -26.86 4.74
C ASP B 272 -28.81 -27.26 3.63
N GLN B 273 -29.30 -27.95 2.60
CA GLN B 273 -28.42 -28.46 1.56
C GLN B 273 -27.73 -27.32 0.81
N GLU B 274 -26.45 -27.52 0.51
CA GLU B 274 -25.73 -26.55 -0.31
C GLU B 274 -26.34 -26.48 -1.70
N LEU B 275 -26.30 -25.29 -2.29
CA LEU B 275 -26.91 -25.07 -3.59
C LEU B 275 -25.93 -25.32 -4.73
N MET B 276 -24.82 -24.59 -4.75
CA MET B 276 -23.85 -24.69 -5.82
C MET B 276 -22.44 -24.83 -5.27
N THR B 277 -21.60 -25.52 -6.05
CA THR B 277 -20.17 -25.56 -5.85
C THR B 277 -19.51 -24.92 -7.07
N TYR B 278 -18.67 -23.92 -6.82
CA TYR B 278 -17.95 -23.20 -7.86
C TYR B 278 -16.51 -23.68 -7.86
N SER B 279 -16.14 -24.42 -8.90
CA SER B 279 -14.80 -24.99 -8.98
C SER B 279 -14.44 -25.18 -10.45
N HIS B 280 -13.15 -25.01 -10.74
CA HIS B 280 -12.61 -25.25 -12.06
C HIS B 280 -11.30 -26.01 -11.94
N ASP B 281 -11.02 -26.86 -12.93
CA ASP B 281 -9.85 -27.71 -12.88
C ASP B 281 -8.56 -26.91 -12.84
N ASN B 282 -8.57 -25.68 -13.38
CA ASN B 282 -7.34 -24.88 -13.41
C ASN B 282 -6.86 -24.52 -12.02
N ILE B 283 -7.77 -24.16 -11.12
CA ILE B 283 -7.40 -23.74 -9.78
C ILE B 283 -7.01 -24.96 -8.96
N ILE B 284 -5.94 -24.84 -8.18
CA ILE B 284 -5.42 -25.96 -7.39
C ILE B 284 -5.38 -25.67 -5.90
N CYS B 285 -5.29 -24.42 -5.47
CA CYS B 285 -5.30 -24.06 -4.06
C CYS B 285 -6.50 -23.16 -3.78
N GLY B 286 -6.66 -22.77 -2.52
CA GLY B 286 -7.93 -22.30 -2.05
C GLY B 286 -8.18 -20.81 -2.18
N ILE B 287 -9.46 -20.45 -2.05
CA ILE B 287 -9.91 -19.07 -2.06
C ILE B 287 -9.54 -18.40 -0.74
N THR B 288 -9.23 -17.12 -0.79
CA THR B 288 -8.83 -16.38 0.40
C THR B 288 -9.91 -15.40 0.89
N SER B 289 -10.77 -14.92 0.00
CA SER B 289 -11.85 -14.04 0.40
C SER B 289 -12.95 -14.07 -0.64
N VAL B 290 -14.18 -13.78 -0.21
CA VAL B 290 -15.34 -13.77 -1.09
C VAL B 290 -16.21 -12.56 -0.75
N SER B 291 -17.01 -12.14 -1.74
CA SER B 291 -17.98 -11.08 -1.54
C SER B 291 -19.03 -11.16 -2.65
N PHE B 292 -20.15 -10.47 -2.42
CA PHE B 292 -21.28 -10.48 -3.34
C PHE B 292 -21.53 -9.09 -3.89
N SER B 293 -22.17 -9.03 -5.05
CA SER B 293 -22.58 -7.78 -5.65
C SER B 293 -23.96 -7.39 -5.14
N LYS B 294 -24.47 -6.24 -5.58
CA LYS B 294 -25.78 -5.78 -5.11
C LYS B 294 -26.89 -6.75 -5.53
N SER B 295 -26.88 -7.18 -6.78
CA SER B 295 -27.90 -8.13 -7.23
C SER B 295 -27.65 -9.53 -6.70
N GLY B 296 -26.47 -9.81 -6.18
CA GLY B 296 -26.13 -11.12 -5.70
C GLY B 296 -25.78 -12.11 -6.78
N ARG B 297 -25.87 -11.73 -8.05
CA ARG B 297 -25.55 -12.65 -9.13
C ARG B 297 -24.06 -12.85 -9.32
N LEU B 298 -23.24 -11.90 -8.90
CA LEU B 298 -21.82 -11.90 -9.21
C LEU B 298 -21.03 -12.08 -7.91
N LEU B 299 -20.48 -13.28 -7.72
CA LEU B 299 -19.71 -13.59 -6.52
C LEU B 299 -18.23 -13.46 -6.85
N LEU B 300 -17.54 -12.57 -6.15
CA LEU B 300 -16.14 -12.28 -6.45
C LEU B 300 -15.27 -12.91 -5.38
N ALA B 301 -14.26 -13.67 -5.81
CA ALA B 301 -13.43 -14.45 -4.90
C ALA B 301 -11.96 -14.26 -5.24
N GLY B 302 -11.15 -14.02 -4.21
CA GLY B 302 -9.71 -13.89 -4.36
C GLY B 302 -9.02 -15.22 -4.26
N TYR B 303 -8.48 -15.70 -5.38
CA TYR B 303 -8.03 -17.08 -5.49
C TYR B 303 -6.56 -17.22 -5.14
N ASP B 304 -5.99 -18.38 -5.46
CA ASP B 304 -4.65 -18.77 -5.02
C ASP B 304 -3.55 -18.21 -5.92
N ASP B 305 -3.84 -18.00 -7.20
CA ASP B 305 -2.82 -17.77 -8.21
C ASP B 305 -2.60 -16.29 -8.48
N PHE B 306 -2.62 -15.48 -7.42
CA PHE B 306 -2.46 -14.03 -7.49
C PHE B 306 -3.56 -13.39 -8.32
N ASN B 307 -4.73 -14.00 -8.33
CA ASN B 307 -5.79 -13.67 -9.27
C ASN B 307 -7.12 -13.67 -8.54
N CYS B 308 -8.08 -12.93 -9.08
CA CYS B 308 -9.44 -12.90 -8.57
C CYS B 308 -10.40 -13.33 -9.66
N ASN B 309 -11.39 -14.13 -9.29
CA ASN B 309 -12.37 -14.64 -10.23
C ASN B 309 -13.74 -14.10 -9.88
N VAL B 310 -14.62 -14.10 -10.88
CA VAL B 310 -15.95 -13.53 -10.77
C VAL B 310 -16.92 -14.58 -11.29
N TRP B 311 -17.67 -15.20 -10.39
CA TRP B 311 -18.54 -16.33 -10.66
C TRP B 311 -19.98 -15.89 -10.81
N ASP B 312 -20.67 -16.46 -11.79
CA ASP B 312 -22.12 -16.28 -11.92
C ASP B 312 -22.79 -17.14 -10.86
N ALA B 313 -23.45 -16.50 -9.89
CA ALA B 313 -24.00 -17.23 -8.75
C ALA B 313 -25.10 -18.20 -9.15
N LEU B 314 -25.67 -18.03 -10.34
CA LEU B 314 -26.73 -18.94 -10.79
C LEU B 314 -26.24 -19.94 -11.81
N LYS B 315 -25.42 -19.51 -12.76
CA LYS B 315 -24.86 -20.42 -13.76
C LYS B 315 -23.71 -21.26 -13.24
N ALA B 316 -23.08 -20.86 -12.13
CA ALA B 316 -21.96 -21.57 -11.54
C ALA B 316 -20.82 -21.78 -12.54
N ASP B 317 -20.52 -20.74 -13.31
CA ASP B 317 -19.38 -20.74 -14.22
C ASP B 317 -18.63 -19.44 -14.08
N ARG B 318 -17.34 -19.46 -14.43
CA ARG B 318 -16.49 -18.29 -14.25
C ARG B 318 -16.91 -17.23 -15.24
N ALA B 319 -17.70 -16.26 -14.78
CA ALA B 319 -18.15 -15.18 -15.64
C ALA B 319 -16.99 -14.31 -16.09
N GLY B 320 -16.07 -13.99 -15.17
CA GLY B 320 -14.99 -13.08 -15.50
C GLY B 320 -13.76 -13.30 -14.64
N VAL B 321 -12.68 -12.66 -15.05
CA VAL B 321 -11.40 -12.71 -14.35
C VAL B 321 -10.95 -11.28 -14.12
N LEU B 322 -10.19 -11.05 -13.05
CA LEU B 322 -9.61 -9.75 -12.79
C LEU B 322 -8.10 -9.81 -13.01
N ALA B 323 -7.54 -8.68 -13.44
CA ALA B 323 -6.10 -8.61 -13.65
C ALA B 323 -5.36 -8.90 -12.35
N GLY B 324 -4.31 -9.69 -12.45
CA GLY B 324 -3.63 -10.16 -11.26
C GLY B 324 -2.80 -9.08 -10.59
N HIS B 325 -2.50 -9.33 -9.32
CA HIS B 325 -1.57 -8.54 -8.55
C HIS B 325 -0.20 -9.18 -8.59
N ASP B 326 0.73 -8.68 -7.79
CA ASP B 326 2.06 -9.28 -7.68
C ASP B 326 2.13 -10.34 -6.59
N ASN B 327 1.04 -10.60 -5.88
CA ASN B 327 1.03 -11.60 -4.82
C ASN B 327 -0.41 -12.05 -4.59
N ARG B 328 -0.63 -12.76 -3.48
CA ARG B 328 -1.94 -13.35 -3.21
C ARG B 328 -2.99 -12.27 -2.97
N VAL B 329 -4.20 -12.51 -3.48
CA VAL B 329 -5.33 -11.62 -3.28
C VAL B 329 -5.96 -11.92 -1.92
N SER B 330 -5.49 -11.22 -0.88
CA SER B 330 -5.89 -11.57 0.48
C SER B 330 -7.35 -11.21 0.75
N CYS B 331 -7.81 -10.06 0.24
CA CYS B 331 -9.16 -9.63 0.55
C CYS B 331 -9.77 -8.91 -0.65
N LEU B 332 -11.09 -8.93 -0.71
CA LEU B 332 -11.82 -8.10 -1.68
C LEU B 332 -13.15 -7.72 -1.07
N GLY B 333 -13.65 -6.56 -1.49
CA GLY B 333 -14.91 -6.06 -0.98
C GLY B 333 -15.70 -5.27 -2.00
N VAL B 334 -16.98 -5.60 -2.14
CA VAL B 334 -17.89 -4.84 -2.97
C VAL B 334 -18.52 -3.74 -2.13
N THR B 335 -18.54 -2.52 -2.67
CA THR B 335 -19.03 -1.39 -1.91
C THR B 335 -20.53 -1.49 -1.67
N ASP B 336 -21.02 -0.63 -0.77
CA ASP B 336 -22.40 -0.75 -0.31
C ASP B 336 -23.40 -0.54 -1.44
N ASP B 337 -23.14 0.43 -2.32
CA ASP B 337 -24.03 0.68 -3.44
C ASP B 337 -23.70 -0.17 -4.66
N GLY B 338 -22.68 -1.02 -4.57
CA GLY B 338 -22.32 -1.87 -5.69
C GLY B 338 -21.77 -1.12 -6.89
N MET B 339 -21.03 -0.05 -6.65
CA MET B 339 -20.43 0.72 -7.73
C MET B 339 -19.04 0.23 -8.10
N ALA B 340 -18.33 -0.41 -7.18
CA ALA B 340 -16.94 -0.79 -7.42
C ALA B 340 -16.56 -1.93 -6.47
N VAL B 341 -15.49 -2.63 -6.83
CA VAL B 341 -14.93 -3.70 -6.02
C VAL B 341 -13.47 -3.37 -5.76
N ALA B 342 -13.08 -3.41 -4.49
CA ALA B 342 -11.69 -3.13 -4.12
C ALA B 342 -11.03 -4.42 -3.65
N THR B 343 -9.93 -4.78 -4.29
CA THR B 343 -9.17 -5.97 -3.95
C THR B 343 -7.84 -5.53 -3.35
N GLY B 344 -7.57 -6.00 -2.14
CA GLY B 344 -6.28 -5.80 -1.49
C GLY B 344 -5.50 -7.10 -1.48
N SER B 345 -4.24 -7.01 -1.90
CA SER B 345 -3.40 -8.17 -2.11
C SER B 345 -2.11 -8.02 -1.33
N TRP B 346 -1.37 -9.13 -1.21
CA TRP B 346 -0.15 -9.14 -0.42
C TRP B 346 0.92 -8.21 -0.98
N ASP B 347 0.79 -7.76 -2.22
CA ASP B 347 1.77 -6.87 -2.84
C ASP B 347 1.63 -5.43 -2.38
N SER B 348 0.90 -5.18 -1.29
CA SER B 348 0.74 -3.87 -0.65
C SER B 348 -0.01 -2.86 -1.50
N PHE B 349 -0.59 -3.27 -2.62
CA PHE B 349 -1.32 -2.37 -3.51
C PHE B 349 -2.78 -2.77 -3.54
N LEU B 350 -3.66 -1.80 -3.36
CA LEU B 350 -5.09 -2.04 -3.54
C LEU B 350 -5.49 -1.67 -4.96
N LYS B 351 -6.56 -2.29 -5.44
CA LYS B 351 -7.07 -1.99 -6.77
C LYS B 351 -8.58 -1.88 -6.73
N ILE B 352 -9.12 -0.76 -7.20
CA ILE B 352 -10.55 -0.53 -7.25
C ILE B 352 -10.98 -0.60 -8.71
N TRP B 353 -11.94 -1.49 -8.98
CA TRP B 353 -12.37 -1.86 -10.32
C TRP B 353 -13.78 -1.33 -10.56
N ASN B 354 -14.34 -1.71 -11.71
CA ASN B 354 -15.72 -1.34 -12.04
C ASN B 354 -16.25 -2.18 -13.18
N SER C 8 -15.06 -34.13 28.72
CA SER C 8 -15.07 -35.49 29.26
C SER C 8 -16.41 -36.15 29.01
N ILE C 9 -17.42 -35.77 29.79
CA ILE C 9 -18.76 -36.33 29.64
C ILE C 9 -19.79 -35.28 29.21
N ALA C 10 -19.65 -34.03 29.64
CA ALA C 10 -20.69 -33.02 29.39
C ALA C 10 -20.84 -32.70 27.90
N GLN C 11 -19.76 -32.85 27.13
CA GLN C 11 -19.87 -32.58 25.69
C GLN C 11 -20.88 -33.51 25.05
N ALA C 12 -21.13 -34.68 25.66
CA ALA C 12 -22.17 -35.56 25.16
C ALA C 12 -23.52 -34.85 25.15
N ARG C 13 -23.92 -34.25 26.28
CA ARG C 13 -25.12 -33.43 26.25
C ARG C 13 -24.97 -32.30 25.25
N LYS C 14 -23.91 -31.50 25.38
CA LYS C 14 -23.76 -30.35 24.47
C LYS C 14 -24.12 -30.74 23.04
N LEU C 15 -23.53 -31.82 22.54
CA LEU C 15 -23.82 -32.28 21.18
C LEU C 15 -25.27 -32.75 21.03
N VAL C 16 -25.80 -33.52 21.99
CA VAL C 16 -27.11 -34.12 21.75
C VAL C 16 -28.21 -33.06 21.73
N GLU C 17 -28.19 -32.12 22.69
CA GLU C 17 -29.15 -31.02 22.59
C GLU C 17 -28.87 -30.11 21.40
N GLN C 18 -27.60 -29.90 21.03
CA GLN C 18 -27.35 -29.10 19.83
C GLN C 18 -28.01 -29.71 18.61
N LEU C 19 -27.81 -31.02 18.40
CA LEU C 19 -28.37 -31.68 17.24
C LEU C 19 -29.88 -31.80 17.30
N LYS C 20 -30.45 -32.02 18.49
CA LYS C 20 -31.92 -32.07 18.54
C LYS C 20 -32.54 -30.71 18.30
N MET C 21 -31.87 -29.63 18.72
CA MET C 21 -32.36 -28.29 18.37
C MET C 21 -32.25 -28.04 16.87
N GLU C 22 -31.14 -28.47 16.26
CA GLU C 22 -31.00 -28.29 14.81
C GLU C 22 -32.01 -29.13 14.03
N ALA C 23 -32.38 -30.29 14.56
CA ALA C 23 -33.31 -31.17 13.85
C ALA C 23 -34.72 -30.60 13.84
N ASN C 24 -35.12 -29.94 14.93
CA ASN C 24 -36.48 -29.45 15.06
C ASN C 24 -36.79 -28.27 14.16
N ILE C 25 -35.78 -27.67 13.51
CA ILE C 25 -36.03 -26.54 12.64
C ILE C 25 -36.83 -26.98 11.41
N ASP C 26 -37.44 -26.00 10.76
CA ASP C 26 -38.28 -26.25 9.60
C ASP C 26 -37.51 -25.94 8.32
N ARG C 27 -37.68 -26.78 7.31
CA ARG C 27 -36.96 -26.67 6.06
C ARG C 27 -37.95 -26.61 4.91
N ILE C 28 -37.77 -25.63 4.03
CA ILE C 28 -38.57 -25.52 2.82
C ILE C 28 -37.80 -26.18 1.68
N LYS C 29 -38.55 -26.60 0.66
CA LYS C 29 -37.95 -27.32 -0.46
C LYS C 29 -36.86 -26.48 -1.12
N VAL C 30 -35.77 -27.15 -1.50
CA VAL C 30 -34.63 -26.47 -2.12
C VAL C 30 -35.05 -25.79 -3.42
N SER C 31 -36.06 -26.33 -4.11
CA SER C 31 -36.58 -25.67 -5.29
C SER C 31 -37.13 -24.30 -4.95
N LYS C 32 -37.85 -24.19 -3.85
CA LYS C 32 -38.39 -22.89 -3.44
C LYS C 32 -37.28 -21.91 -3.11
N ALA C 33 -36.25 -22.36 -2.40
CA ALA C 33 -35.14 -21.47 -2.06
C ALA C 33 -34.40 -21.01 -3.32
N ALA C 34 -34.18 -21.92 -4.26
CA ALA C 34 -33.53 -21.55 -5.52
C ALA C 34 -34.38 -20.56 -6.31
N ALA C 35 -35.70 -20.78 -6.33
CA ALA C 35 -36.59 -19.84 -7.02
C ALA C 35 -36.56 -18.47 -6.35
N ASP C 36 -36.51 -18.45 -5.02
CA ASP C 36 -36.42 -17.17 -4.31
C ASP C 36 -35.12 -16.45 -4.63
N LEU C 37 -34.00 -17.19 -4.65
CA LEU C 37 -32.73 -16.57 -5.00
C LEU C 37 -32.75 -16.02 -6.43
N MET C 38 -33.31 -16.79 -7.36
CA MET C 38 -33.40 -16.33 -8.74
C MET C 38 -34.29 -15.10 -8.86
N ALA C 39 -35.40 -15.07 -8.12
CA ALA C 39 -36.29 -13.92 -8.15
C ALA C 39 -35.61 -12.68 -7.58
N TYR C 40 -34.86 -12.84 -6.48
CA TYR C 40 -34.13 -11.70 -5.93
C TYR C 40 -33.05 -11.23 -6.90
N CYS C 41 -32.41 -12.15 -7.61
CA CYS C 41 -31.45 -11.77 -8.64
C CYS C 41 -32.13 -10.97 -9.75
N GLU C 42 -33.29 -11.43 -10.21
CA GLU C 42 -33.97 -10.79 -11.33
C GLU C 42 -34.48 -9.41 -10.93
N ALA C 43 -35.04 -9.28 -9.72
CA ALA C 43 -35.66 -8.02 -9.32
C ALA C 43 -34.64 -6.89 -9.26
N HIS C 44 -33.45 -7.16 -8.72
CA HIS C 44 -32.43 -6.14 -8.56
C HIS C 44 -31.42 -6.13 -9.70
N ALA C 45 -31.77 -6.75 -10.83
CA ALA C 45 -30.83 -6.82 -11.95
C ALA C 45 -30.47 -5.45 -12.48
N LYS C 46 -31.46 -4.56 -12.63
CA LYS C 46 -31.20 -3.23 -13.16
C LYS C 46 -30.47 -2.32 -12.17
N GLU C 47 -30.33 -2.74 -10.91
CA GLU C 47 -29.66 -1.95 -9.90
C GLU C 47 -28.25 -2.42 -9.62
N ASP C 48 -27.64 -3.17 -10.54
CA ASP C 48 -26.31 -3.73 -10.34
C ASP C 48 -25.33 -3.09 -11.31
N PRO C 49 -24.56 -2.08 -10.89
CA PRO C 49 -23.53 -1.52 -11.78
C PRO C 49 -22.48 -2.53 -12.20
N LEU C 50 -22.14 -3.49 -11.34
CA LEU C 50 -21.16 -4.50 -11.72
C LEU C 50 -21.70 -5.39 -12.83
N LEU C 51 -22.96 -5.78 -12.76
CA LEU C 51 -23.53 -6.67 -13.77
C LEU C 51 -23.66 -5.96 -15.11
N THR C 52 -24.24 -4.75 -15.12
CA THR C 52 -24.41 -3.98 -16.34
C THR C 52 -23.51 -2.77 -16.30
N PRO C 53 -22.58 -2.61 -17.24
CA PRO C 53 -21.64 -1.48 -17.18
C PRO C 53 -22.33 -0.14 -17.14
N VAL C 54 -22.17 0.56 -16.02
CA VAL C 54 -22.81 1.87 -15.85
C VAL C 54 -22.14 2.88 -16.77
N PRO C 55 -22.88 3.73 -17.48
CA PRO C 55 -22.25 4.72 -18.34
C PRO C 55 -21.41 5.71 -17.54
N ALA C 56 -20.36 6.21 -18.18
CA ALA C 56 -19.37 7.06 -17.52
C ALA C 56 -19.93 8.41 -17.12
N SER C 57 -21.13 8.78 -17.59
CA SER C 57 -21.68 10.08 -17.26
C SER C 57 -21.88 10.24 -15.75
N GLU C 58 -22.54 9.27 -15.12
CA GLU C 58 -22.72 9.27 -13.68
C GLU C 58 -21.89 8.20 -12.98
N ASN C 59 -21.01 7.51 -13.69
CA ASN C 59 -20.07 6.61 -13.04
C ASN C 59 -19.08 7.44 -12.24
N PRO C 60 -19.00 7.26 -10.91
CA PRO C 60 -18.17 8.16 -10.11
C PRO C 60 -16.69 7.83 -10.12
N PHE C 61 -16.32 6.59 -10.42
CA PHE C 61 -14.92 6.19 -10.36
C PHE C 61 -14.15 6.46 -11.65
N ARG C 62 -14.83 6.83 -12.73
CA ARG C 62 -14.16 7.20 -13.97
C ARG C 62 -14.35 8.68 -14.30
N GLU C 63 -15.60 9.14 -14.39
CA GLU C 63 -15.90 10.53 -14.69
C GLU C 63 -17.39 10.82 -14.48
N CYS D 1 32.50 12.58 -37.39
CA CYS D 1 31.09 12.74 -37.85
C CYS D 1 30.18 12.95 -36.64
N TYR D 2 30.58 12.43 -35.47
CA TYR D 2 29.78 12.63 -34.23
C TYR D 2 30.36 13.83 -33.46
N ILE D 3 31.68 13.93 -33.38
CA ILE D 3 32.32 15.11 -32.72
C ILE D 3 33.46 15.60 -33.63
N GLN D 4 33.44 15.17 -34.90
CA GLN D 4 34.48 15.59 -35.85
C GLN D 4 33.81 15.76 -37.20
N ASN D 5 34.61 16.15 -38.19
CA ASN D 5 34.10 16.34 -39.55
C ASN D 5 34.25 15.07 -40.37
N CYS D 6 33.22 14.76 -41.16
CA CYS D 6 33.24 13.53 -42.00
C CYS D 6 34.27 13.71 -43.12
N PRO D 7 35.21 12.76 -43.31
CA PRO D 7 36.17 12.85 -44.41
C PRO D 7 35.44 12.79 -45.76
N LEU D 8 34.53 11.84 -45.91
CA LEU D 8 33.75 11.70 -47.17
C LEU D 8 32.32 11.26 -46.84
N GLY D 9 31.72 11.83 -45.79
CA GLY D 9 30.35 11.47 -45.38
C GLY D 9 30.22 9.98 -45.11
N ASN E 35 31.03 7.90 -55.17
CA ASN E 35 30.82 6.84 -54.19
C ASN E 35 29.36 6.44 -54.11
N GLU E 36 28.71 6.29 -55.26
CA GLU E 36 27.30 5.94 -55.30
C GLU E 36 27.06 4.58 -54.65
N ALA E 37 27.83 3.56 -55.05
CA ALA E 37 27.72 2.26 -54.42
C ALA E 37 28.12 2.32 -52.95
N LEU E 38 29.18 3.08 -52.64
CA LEU E 38 29.59 3.24 -51.25
C LEU E 38 28.50 3.93 -50.44
N ALA E 39 27.88 4.96 -51.00
CA ALA E 39 26.80 5.66 -50.30
C ALA E 39 25.62 4.73 -50.05
N ARG E 40 25.26 3.92 -51.06
CA ARG E 40 24.16 2.98 -50.88
C ARG E 40 24.49 1.95 -49.81
N VAL E 41 25.71 1.42 -49.81
CA VAL E 41 26.11 0.44 -48.79
C VAL E 41 26.07 1.08 -47.41
N GLU E 42 26.56 2.32 -47.30
CA GLU E 42 26.58 3.00 -46.01
C GLU E 42 25.17 3.26 -45.48
N VAL E 43 24.26 3.73 -46.34
CA VAL E 43 22.90 3.97 -45.87
C VAL E 43 22.20 2.65 -45.54
N ALA E 44 22.48 1.59 -46.30
CA ALA E 44 21.89 0.30 -45.99
C ALA E 44 22.36 -0.23 -44.64
N VAL E 45 23.66 -0.15 -44.36
CA VAL E 45 24.15 -0.65 -43.08
C VAL E 45 23.69 0.25 -41.94
N LEU E 46 23.52 1.55 -42.19
CA LEU E 46 22.98 2.44 -41.18
C LEU E 46 21.53 2.06 -40.84
N CYS E 47 20.73 1.75 -41.87
CA CYS E 47 19.37 1.30 -41.63
C CYS E 47 19.36 -0.03 -40.87
N LEU E 48 20.28 -0.93 -41.22
CA LEU E 48 20.36 -2.21 -40.54
C LEU E 48 20.70 -2.04 -39.06
N ILE E 49 21.69 -1.20 -38.76
CA ILE E 49 22.07 -1.00 -37.37
C ILE E 49 20.95 -0.28 -36.62
N LEU E 50 20.25 0.65 -37.28
CA LEU E 50 19.11 1.30 -36.66
C LEU E 50 18.04 0.29 -36.27
N LEU E 51 17.62 -0.56 -37.22
CA LEU E 51 16.56 -1.52 -36.93
C LEU E 51 17.00 -2.51 -35.86
N LEU E 52 18.26 -2.97 -35.92
CA LEU E 52 18.75 -3.93 -34.94
C LEU E 52 18.80 -3.30 -33.55
N ALA E 53 19.29 -2.07 -33.43
CA ALA E 53 19.35 -1.41 -32.13
C ALA E 53 17.95 -1.17 -31.57
N LEU E 54 17.03 -0.72 -32.42
CA LEU E 54 15.66 -0.51 -31.95
C LEU E 54 15.02 -1.81 -31.49
N SER E 55 15.22 -2.90 -32.26
CA SER E 55 14.66 -4.19 -31.87
C SER E 55 15.26 -4.66 -30.54
N GLY E 56 16.58 -4.51 -30.39
CA GLY E 56 17.22 -4.92 -29.15
C GLY E 56 16.73 -4.14 -27.95
N ASN E 57 16.57 -2.83 -28.11
CA ASN E 57 16.08 -2.00 -27.01
C ASN E 57 14.62 -2.31 -26.69
N ALA E 58 13.80 -2.55 -27.72
CA ALA E 58 12.38 -2.79 -27.53
C ALA E 58 12.07 -4.20 -27.02
N CYS E 59 12.98 -5.17 -27.23
CA CYS E 59 12.74 -6.51 -26.73
C CYS E 59 12.71 -6.58 -25.21
N VAL E 60 13.20 -5.54 -24.52
CA VAL E 60 13.09 -5.46 -23.07
C VAL E 60 11.64 -5.39 -22.61
N LEU E 61 10.74 -4.89 -23.46
CA LEU E 61 9.33 -4.82 -23.11
C LEU E 61 8.75 -6.20 -22.83
N LEU E 62 9.33 -7.25 -23.40
CA LEU E 62 8.89 -8.61 -23.09
C LEU E 62 9.10 -8.95 -21.62
N ALA E 63 10.19 -8.46 -21.02
CA ALA E 63 10.42 -8.70 -19.61
C ALA E 63 9.49 -7.89 -18.72
N LEU E 64 8.90 -6.81 -19.25
CA LEU E 64 7.95 -6.02 -18.46
C LEU E 64 6.71 -6.85 -18.10
N ARG E 65 6.21 -7.65 -19.05
CA ARG E 65 5.04 -8.48 -18.81
C ARG E 65 5.39 -9.96 -18.95
N SER E 72 12.34 -6.21 -10.07
CA SER E 72 13.55 -6.25 -9.25
C SER E 72 14.44 -5.04 -9.54
N ARG E 73 15.47 -4.87 -8.71
CA ARG E 73 16.40 -3.77 -8.92
C ARG E 73 17.17 -3.94 -10.23
N LEU E 74 17.51 -5.19 -10.58
CA LEU E 74 18.12 -5.45 -11.87
C LEU E 74 17.21 -4.99 -13.00
N PHE E 75 15.92 -5.29 -12.92
CA PHE E 75 14.99 -4.81 -13.93
C PHE E 75 14.84 -3.30 -13.88
N PHE E 76 14.91 -2.72 -12.68
CA PHE E 76 14.83 -1.26 -12.55
C PHE E 76 15.96 -0.58 -13.32
N PHE E 77 17.18 -1.12 -13.20
CA PHE E 77 18.30 -0.54 -13.94
C PHE E 77 18.27 -0.94 -15.41
N MET E 78 17.74 -2.13 -15.74
CA MET E 78 17.67 -2.55 -17.12
C MET E 78 16.73 -1.66 -17.92
N LYS E 79 15.58 -1.31 -17.35
CA LYS E 79 14.66 -0.42 -18.04
C LYS E 79 15.28 0.96 -18.25
N HIS E 80 15.98 1.48 -17.24
CA HIS E 80 16.62 2.79 -17.37
C HIS E 80 17.71 2.76 -18.44
N LEU E 81 18.50 1.68 -18.48
CA LEU E 81 19.50 1.54 -19.53
C LEU E 81 18.85 1.42 -20.90
N SER E 82 17.71 0.73 -20.98
CA SER E 82 17.01 0.59 -22.25
C SER E 82 16.51 1.93 -22.75
N ILE E 83 15.93 2.75 -21.86
CA ILE E 83 15.45 4.06 -22.30
C ILE E 83 16.62 4.97 -22.65
N ALA E 84 17.74 4.84 -21.95
CA ALA E 84 18.93 5.60 -22.32
C ALA E 84 19.42 5.19 -23.71
N ASP E 85 19.39 3.90 -24.01
CA ASP E 85 19.80 3.44 -25.33
C ASP E 85 18.80 3.89 -26.39
N LEU E 86 17.52 4.03 -26.03
CA LEU E 86 16.56 4.63 -26.94
C LEU E 86 16.90 6.08 -27.23
N VAL E 87 17.25 6.83 -26.19
CA VAL E 87 17.65 8.23 -26.32
C VAL E 87 18.85 8.31 -27.26
N VAL E 88 19.80 7.37 -27.09
CA VAL E 88 20.91 7.28 -28.02
C VAL E 88 20.48 6.98 -29.44
N ALA E 89 19.67 5.95 -29.66
CA ALA E 89 19.33 5.50 -31.01
C ALA E 89 18.58 6.58 -31.78
N VAL E 90 17.63 7.26 -31.12
CA VAL E 90 16.84 8.27 -31.81
C VAL E 90 17.70 9.47 -32.18
N PHE E 91 18.66 9.82 -31.33
CA PHE E 91 19.46 11.03 -31.53
C PHE E 91 20.83 10.77 -32.15
N GLN E 92 21.16 9.52 -32.46
CA GLN E 92 22.56 9.25 -32.93
C GLN E 92 22.59 8.80 -34.39
N VAL E 93 21.88 7.73 -34.74
CA VAL E 93 22.01 7.19 -36.10
C VAL E 93 21.07 7.91 -37.05
N LEU E 94 19.95 8.42 -36.55
CA LEU E 94 19.03 9.16 -37.41
C LEU E 94 19.66 10.41 -38.03
N PRO E 95 20.37 11.26 -37.28
CA PRO E 95 20.94 12.47 -37.92
C PRO E 95 21.97 12.17 -38.99
N GLN E 96 22.93 11.30 -38.67
CA GLN E 96 23.96 10.91 -39.67
C GLN E 96 23.27 10.25 -40.86
N LEU E 97 22.29 9.38 -40.59
CA LEU E 97 21.58 8.69 -41.66
C LEU E 97 20.93 9.68 -42.63
N LEU E 98 20.22 10.67 -42.07
CA LEU E 98 19.62 11.70 -42.91
C LEU E 98 20.70 12.50 -43.64
N TRP E 99 21.79 12.81 -42.96
CA TRP E 99 22.88 13.57 -43.56
C TRP E 99 23.47 12.83 -44.76
N ASP E 100 23.67 11.52 -44.62
CA ASP E 100 24.26 10.74 -45.70
C ASP E 100 23.27 10.54 -46.85
N ILE E 101 21.99 10.34 -46.52
CA ILE E 101 20.98 10.19 -47.56
C ILE E 101 20.86 11.48 -48.37
N THR E 102 20.81 12.62 -47.70
CA THR E 102 20.70 13.91 -48.36
C THR E 102 22.03 14.49 -48.79
N PHE E 103 23.15 13.88 -48.39
CA PHE E 103 24.50 14.34 -48.69
C PHE E 103 24.82 15.70 -48.10
N ARG E 104 23.90 16.27 -47.32
CA ARG E 104 24.11 17.54 -46.64
C ARG E 104 23.08 17.64 -45.52
N PHE E 105 23.42 18.43 -44.50
CA PHE E 105 22.55 18.54 -43.33
C PHE E 105 21.18 19.12 -43.70
N TYR E 106 21.19 20.19 -44.48
CA TYR E 106 19.96 20.86 -44.93
C TYR E 106 19.07 21.24 -43.74
N GLY E 107 19.61 22.11 -42.88
CA GLY E 107 18.90 22.54 -41.71
C GLY E 107 19.50 23.79 -41.08
N PRO E 108 18.77 24.40 -40.15
CA PRO E 108 19.26 25.62 -39.50
C PRO E 108 20.45 25.34 -38.60
N ASP E 109 21.19 26.42 -38.31
CA ASP E 109 22.36 26.31 -37.44
C ASP E 109 21.96 25.85 -36.04
N LEU E 110 20.88 26.40 -35.50
CA LEU E 110 20.42 26.00 -34.17
C LEU E 110 20.05 24.53 -34.12
N LEU E 111 19.37 24.05 -35.17
CA LEU E 111 19.04 22.63 -35.26
C LEU E 111 20.30 21.77 -35.30
N CYS E 112 21.32 22.21 -36.05
CA CYS E 112 22.58 21.49 -36.11
C CYS E 112 23.23 21.41 -34.73
N ARG E 113 23.29 22.53 -34.02
CA ARG E 113 23.89 22.54 -32.70
C ARG E 113 23.13 21.63 -31.75
N LEU E 114 21.79 21.69 -31.78
CA LEU E 114 20.99 20.84 -30.90
C LEU E 114 21.21 19.37 -31.23
N VAL E 115 21.27 19.03 -32.51
CA VAL E 115 21.47 17.63 -32.91
C VAL E 115 22.83 17.13 -32.42
N LYS E 116 23.88 17.93 -32.60
CA LYS E 116 25.19 17.54 -32.13
C LYS E 116 25.21 17.37 -30.61
N TYR E 117 24.54 18.29 -29.91
CA TYR E 117 24.49 18.24 -28.45
C TYR E 117 23.81 16.96 -27.97
N LEU E 118 22.67 16.61 -28.58
CA LEU E 118 22.00 15.37 -28.20
C LEU E 118 22.82 14.14 -28.57
N GLN E 119 23.57 14.22 -29.68
CA GLN E 119 24.45 13.09 -30.06
C GLN E 119 25.46 12.86 -28.93
N VAL E 120 26.13 13.91 -28.46
CA VAL E 120 27.13 13.78 -27.41
C VAL E 120 26.48 13.37 -26.09
N VAL E 121 25.27 13.89 -25.83
CA VAL E 121 24.55 13.52 -24.61
C VAL E 121 24.29 12.02 -24.58
N GLY E 122 23.84 11.46 -25.70
CA GLY E 122 23.62 10.02 -25.76
C GLY E 122 24.91 9.24 -25.61
N MET E 123 25.98 9.67 -26.28
CA MET E 123 27.27 9.00 -26.18
C MET E 123 27.75 8.93 -24.74
N PHE E 124 27.60 10.02 -23.99
CA PHE E 124 28.03 10.00 -22.60
C PHE E 124 27.05 9.24 -21.71
N ALA E 125 25.75 9.38 -21.99
CA ALA E 125 24.72 8.82 -21.12
C ALA E 125 24.72 7.30 -21.13
N SER E 126 24.85 6.70 -22.31
CA SER E 126 24.85 5.23 -22.38
C SER E 126 26.00 4.66 -21.54
N THR E 127 27.21 5.18 -21.75
CA THR E 127 28.38 4.67 -21.04
C THR E 127 28.26 4.92 -19.54
N TYR E 128 27.86 6.13 -19.15
CA TYR E 128 27.78 6.42 -17.72
C TYR E 128 26.68 5.64 -17.03
N LEU E 129 25.56 5.36 -17.71
CA LEU E 129 24.51 4.57 -17.09
C LEU E 129 24.93 3.11 -16.97
N LEU E 130 25.65 2.58 -17.98
CA LEU E 130 26.20 1.24 -17.83
C LEU E 130 27.17 1.17 -16.66
N LEU E 131 28.02 2.20 -16.52
CA LEU E 131 28.94 2.25 -15.39
C LEU E 131 28.21 2.30 -14.06
N LEU E 132 27.14 3.10 -13.98
CA LEU E 132 26.38 3.21 -12.75
C LEU E 132 25.70 1.89 -12.39
N MET E 133 25.15 1.19 -13.39
CA MET E 133 24.54 -0.11 -13.14
C MET E 133 25.59 -1.10 -12.66
N SER E 134 26.77 -1.10 -13.27
CA SER E 134 27.83 -1.99 -12.83
C SER E 134 28.27 -1.68 -11.41
N LEU E 135 28.37 -0.39 -11.07
CA LEU E 135 28.74 -0.01 -9.71
C LEU E 135 27.68 -0.45 -8.70
N ASP E 136 26.40 -0.30 -9.06
CA ASP E 136 25.33 -0.75 -8.17
C ASP E 136 25.40 -2.25 -7.95
N ARG E 137 25.60 -3.02 -9.03
CA ARG E 137 25.70 -4.47 -8.90
C ARG E 137 26.89 -4.87 -8.04
N CYS E 138 28.04 -4.21 -8.25
CA CYS E 138 29.22 -4.53 -7.47
C CYS E 138 29.02 -4.19 -6.00
N LEU E 139 28.40 -3.05 -5.70
CA LEU E 139 28.15 -2.68 -4.32
C LEU E 139 27.18 -3.66 -3.66
N ALA E 140 26.15 -4.09 -4.38
CA ALA E 140 25.19 -5.03 -3.82
C ALA E 140 25.84 -6.38 -3.55
N ILE E 141 26.63 -6.89 -4.49
CA ILE E 141 27.24 -8.20 -4.31
C ILE E 141 28.30 -8.16 -3.20
N CYS E 142 29.16 -7.14 -3.22
CA CYS E 142 30.22 -7.05 -2.23
C CYS E 142 29.66 -6.70 -0.86
N GLN E 143 28.77 -5.71 -0.79
CA GLN E 143 28.17 -5.28 0.47
C GLN E 143 26.68 -5.53 0.44
N PRO E 144 26.18 -6.62 1.05
CA PRO E 144 24.77 -6.96 1.04
C PRO E 144 23.98 -6.25 2.15
N ARG E 150 15.91 3.48 -3.82
CA ARG E 150 14.96 3.91 -4.83
C ARG E 150 15.15 5.39 -5.16
N ARG E 151 14.93 6.24 -4.15
CA ARG E 151 15.11 7.67 -4.34
C ARG E 151 16.57 8.01 -4.64
N THR E 152 17.50 7.36 -3.93
CA THR E 152 18.92 7.61 -4.19
C THR E 152 19.32 7.15 -5.58
N TYR E 153 18.66 6.12 -6.12
CA TYR E 153 18.91 5.72 -7.50
C TYR E 153 18.47 6.82 -8.48
N ARG E 154 17.31 7.44 -8.21
CA ARG E 154 16.88 8.55 -9.03
C ARG E 154 17.85 9.72 -8.93
N LEU E 155 18.34 10.00 -7.72
CA LEU E 155 19.33 11.07 -7.56
C LEU E 155 20.60 10.76 -8.34
N ALA E 156 21.06 9.51 -8.30
CA ALA E 156 22.27 9.14 -9.01
C ALA E 156 22.09 9.26 -10.52
N VAL E 157 20.95 8.80 -11.04
CA VAL E 157 20.76 8.87 -12.49
C VAL E 157 20.60 10.32 -12.93
N LEU E 158 19.95 11.16 -12.12
CA LEU E 158 19.85 12.58 -12.45
C LEU E 158 21.22 13.24 -12.43
N ALA E 159 22.07 12.86 -11.47
CA ALA E 159 23.42 13.41 -11.42
C ALA E 159 24.23 12.98 -12.64
N THR E 160 24.09 11.73 -13.07
CA THR E 160 24.78 11.28 -14.28
C THR E 160 24.28 12.03 -15.51
N TRP E 161 22.98 12.25 -15.61
CA TRP E 161 22.44 13.03 -16.72
C TRP E 161 23.00 14.45 -16.70
N LEU E 162 23.04 15.07 -15.52
CA LEU E 162 23.59 16.42 -15.41
C LEU E 162 25.05 16.45 -15.84
N GLY E 163 25.83 15.45 -15.42
CA GLY E 163 27.21 15.37 -15.88
C GLY E 163 27.33 15.21 -17.38
N CYS E 164 26.41 14.45 -17.98
CA CYS E 164 26.41 14.30 -19.43
C CYS E 164 26.12 15.62 -20.13
N LEU E 165 25.14 16.39 -19.61
CA LEU E 165 24.87 17.72 -20.15
C LEU E 165 26.09 18.62 -20.03
N VAL E 166 26.74 18.60 -18.86
CA VAL E 166 27.92 19.42 -18.65
C VAL E 166 29.05 19.05 -19.59
N ALA E 167 29.30 17.76 -19.80
CA ALA E 167 30.34 17.32 -20.71
C ALA E 167 29.99 17.54 -22.18
N SER E 168 28.70 17.61 -22.52
CA SER E 168 28.29 17.87 -23.89
C SER E 168 28.27 19.36 -24.22
N ALA E 169 28.22 20.23 -23.21
CA ALA E 169 28.27 21.67 -23.46
C ALA E 169 29.52 22.10 -24.24
N PRO E 170 30.75 21.67 -23.88
CA PRO E 170 31.91 22.12 -24.66
C PRO E 170 31.89 21.71 -26.12
N GLN E 171 31.14 20.64 -26.43
CA GLN E 171 31.01 20.20 -27.84
C GLN E 171 30.42 21.34 -28.66
N VAL E 172 29.24 21.83 -28.26
CA VAL E 172 28.59 22.94 -28.97
C VAL E 172 29.39 24.22 -28.81
N HIS E 173 30.08 24.37 -27.66
CA HIS E 173 30.90 25.56 -27.46
C HIS E 173 31.99 25.65 -28.54
N ILE E 174 32.70 24.56 -28.79
CA ILE E 174 33.71 24.55 -29.84
C ILE E 174 33.08 24.59 -31.23
N PHE E 175 32.02 23.81 -31.46
CA PHE E 175 31.38 23.74 -32.76
C PHE E 175 30.76 25.08 -33.12
N SER E 176 30.95 25.49 -34.38
CA SER E 176 30.40 26.73 -34.87
C SER E 176 30.03 26.58 -36.34
N LEU E 177 29.05 27.37 -36.77
CA LEU E 177 28.62 27.33 -38.16
C LEU E 177 29.70 27.93 -39.06
N ARG E 178 29.86 27.33 -40.24
CA ARG E 178 30.80 27.82 -41.23
C ARG E 178 30.26 27.53 -42.62
N GLU E 179 30.66 28.36 -43.58
CA GLU E 179 30.22 28.24 -44.97
C GLU E 179 31.19 27.29 -45.68
N VAL E 184 26.30 26.43 -48.77
CA VAL E 184 26.27 25.33 -47.82
C VAL E 184 26.84 25.82 -46.50
N PHE E 185 26.00 25.81 -45.46
CA PHE E 185 26.41 26.17 -44.11
C PHE E 185 26.26 24.96 -43.21
N ASP E 186 27.31 24.67 -42.43
CA ASP E 186 27.29 23.48 -41.59
C ASP E 186 28.18 23.71 -40.37
N CYS E 187 27.95 22.91 -39.33
CA CYS E 187 28.76 22.97 -38.13
C CYS E 187 30.11 22.29 -38.42
N TRP E 188 31.10 23.09 -38.79
CA TRP E 188 32.41 22.59 -39.17
C TRP E 188 33.38 22.54 -37.98
N ALA E 189 32.93 22.96 -36.79
CA ALA E 189 33.72 22.91 -35.56
C ALA E 189 35.01 23.73 -35.71
N VAL E 190 34.82 25.04 -35.87
CA VAL E 190 35.96 25.95 -35.94
C VAL E 190 36.74 25.87 -34.63
N PHE E 191 38.04 25.68 -34.74
CA PHE E 191 38.90 25.46 -33.59
C PHE E 191 39.67 26.72 -33.25
N ILE E 192 39.69 27.08 -31.97
CA ILE E 192 40.39 28.30 -31.52
C ILE E 192 41.87 28.06 -31.27
N GLN E 193 42.30 26.81 -31.11
CA GLN E 193 43.69 26.49 -30.84
C GLN E 193 44.17 25.41 -31.80
N PRO E 194 45.46 25.39 -32.14
CA PRO E 194 45.99 24.31 -32.98
C PRO E 194 45.95 22.97 -32.26
N TRP E 195 46.11 22.99 -30.93
CA TRP E 195 45.99 21.80 -30.11
C TRP E 195 44.61 21.64 -29.50
N GLY E 196 43.70 22.58 -29.77
CA GLY E 196 42.36 22.53 -29.21
C GLY E 196 41.58 21.28 -29.58
N PRO E 197 41.48 20.98 -30.87
CA PRO E 197 40.84 19.71 -31.26
C PRO E 197 41.53 18.50 -30.67
N LYS E 198 42.87 18.49 -30.64
CA LYS E 198 43.58 17.34 -30.08
C LYS E 198 43.29 17.19 -28.59
N ALA E 199 43.31 18.30 -27.84
CA ALA E 199 43.02 18.24 -26.42
C ALA E 199 41.58 17.79 -26.17
N TYR E 200 40.64 18.30 -26.98
CA TYR E 200 39.25 17.88 -26.81
C TYR E 200 39.07 16.39 -27.10
N ILE E 201 39.72 15.90 -28.16
CA ILE E 201 39.63 14.47 -28.48
C ILE E 201 40.22 13.62 -27.37
N THR E 202 41.38 14.03 -26.83
CA THR E 202 41.98 13.27 -25.74
C THR E 202 41.09 13.27 -24.51
N TRP E 203 40.50 14.43 -24.16
CA TRP E 203 39.63 14.49 -23.00
C TRP E 203 38.39 13.62 -23.18
N ILE E 204 37.79 13.66 -24.37
CA ILE E 204 36.60 12.84 -24.63
C ILE E 204 36.96 11.37 -24.56
N THR E 205 38.11 10.99 -25.14
CA THR E 205 38.53 9.59 -25.10
C THR E 205 38.76 9.13 -23.67
N LEU E 206 39.40 9.96 -22.85
CA LEU E 206 39.62 9.59 -21.46
C LEU E 206 38.30 9.48 -20.70
N ALA E 207 37.35 10.36 -21.00
CA ALA E 207 36.08 10.34 -20.28
C ALA E 207 35.18 9.20 -20.71
N VAL E 208 35.33 8.71 -21.95
CA VAL E 208 34.40 7.73 -22.50
C VAL E 208 35.02 6.36 -22.57
N TYR E 209 36.36 6.29 -22.64
CA TYR E 209 37.04 5.01 -22.76
C TYR E 209 37.85 4.64 -21.52
N ILE E 210 38.80 5.47 -21.11
CA ILE E 210 39.78 5.04 -20.09
C ILE E 210 39.08 4.84 -18.76
N VAL E 211 38.49 5.91 -18.22
CA VAL E 211 37.80 5.81 -16.93
C VAL E 211 36.66 4.80 -16.96
N PRO E 212 35.78 4.78 -17.98
CA PRO E 212 34.72 3.76 -17.97
C PRO E 212 35.22 2.33 -17.98
N VAL E 213 36.18 2.00 -18.86
CA VAL E 213 36.73 0.65 -18.88
C VAL E 213 37.36 0.30 -17.55
N ILE E 214 38.14 1.23 -16.98
CA ILE E 214 38.83 0.95 -15.72
C ILE E 214 37.81 0.68 -14.62
N VAL E 215 36.79 1.53 -14.51
CA VAL E 215 35.82 1.39 -13.43
C VAL E 215 35.01 0.11 -13.60
N LEU E 216 34.55 -0.17 -14.82
CA LEU E 216 33.77 -1.38 -15.07
C LEU E 216 34.59 -2.64 -14.77
N ALA E 217 35.85 -2.66 -15.24
CA ALA E 217 36.71 -3.81 -14.98
C ALA E 217 36.97 -3.99 -13.50
N THR E 218 37.22 -2.90 -12.77
CA THR E 218 37.45 -3.03 -11.33
C THR E 218 36.20 -3.52 -10.62
N CYS E 219 35.03 -3.00 -10.98
CA CYS E 219 33.79 -3.44 -10.32
C CYS E 219 33.54 -4.92 -10.57
N TYR E 220 33.67 -5.36 -11.82
CA TYR E 220 33.41 -6.77 -12.10
C TYR E 220 34.50 -7.67 -11.52
N GLY E 221 35.74 -7.19 -11.45
CA GLY E 221 36.78 -7.95 -10.80
C GLY E 221 36.55 -8.09 -9.30
N LEU E 222 36.03 -7.02 -8.67
CA LEU E 222 35.67 -7.13 -7.26
C LEU E 222 34.52 -8.11 -7.06
N ILE E 223 33.56 -8.12 -7.98
CA ILE E 223 32.48 -9.11 -7.90
C ILE E 223 33.06 -10.53 -7.97
N SER E 224 33.94 -10.75 -8.95
CA SER E 224 34.53 -12.10 -9.13
C SER E 224 35.37 -12.48 -7.89
N PHE E 225 36.14 -11.54 -7.36
CA PHE E 225 36.96 -11.84 -6.19
C PHE E 225 36.11 -12.13 -4.97
N LYS E 226 35.02 -11.38 -4.79
CA LYS E 226 34.13 -11.62 -3.65
C LYS E 226 33.46 -12.98 -3.75
N ILE E 227 33.00 -13.36 -4.94
CA ILE E 227 32.37 -14.67 -5.07
C ILE E 227 33.40 -15.79 -4.95
N TRP E 228 34.64 -15.55 -5.42
CA TRP E 228 35.70 -16.54 -5.22
C TRP E 228 36.01 -16.73 -3.74
N GLN E 229 36.05 -15.64 -2.98
CA GLN E 229 36.29 -15.74 -1.55
C GLN E 229 35.20 -16.53 -0.85
N ASN E 230 33.98 -16.48 -1.38
CA ASN E 230 32.87 -17.24 -0.85
C ASN E 230 33.06 -18.72 -1.14
N LYS E 270 33.62 -18.50 -9.37
CA LYS E 270 33.11 -19.60 -10.18
C LYS E 270 33.24 -19.30 -11.66
N ILE E 271 32.82 -20.25 -12.50
CA ILE E 271 32.87 -20.06 -13.94
C ILE E 271 31.90 -18.96 -14.37
N ARG E 272 30.77 -18.86 -13.68
CA ARG E 272 29.74 -17.89 -14.09
C ARG E 272 30.25 -16.47 -13.98
N THR E 273 30.92 -16.13 -12.87
CA THR E 273 31.42 -14.76 -12.71
C THR E 273 32.55 -14.46 -13.67
N VAL E 274 33.40 -15.45 -13.95
CA VAL E 274 34.49 -15.25 -14.91
C VAL E 274 33.93 -14.97 -16.29
N LYS E 275 32.94 -15.76 -16.70
CA LYS E 275 32.31 -15.53 -18.00
C LYS E 275 31.60 -14.18 -18.03
N MET E 276 30.95 -13.80 -16.92
CA MET E 276 30.33 -12.49 -16.80
C MET E 276 31.32 -11.37 -17.09
N THR E 277 32.37 -11.27 -16.27
CA THR E 277 33.33 -10.19 -16.42
C THR E 277 34.00 -10.23 -17.78
N PHE E 278 34.38 -11.42 -18.25
CA PHE E 278 35.05 -11.55 -19.53
C PHE E 278 34.18 -11.05 -20.66
N ILE E 279 32.91 -11.49 -20.71
CA ILE E 279 32.05 -11.10 -21.81
C ILE E 279 31.73 -9.61 -21.76
N ILE E 280 31.52 -9.07 -20.54
CA ILE E 280 31.18 -7.65 -20.44
C ILE E 280 32.35 -6.79 -20.88
N VAL E 281 33.55 -7.08 -20.36
CA VAL E 281 34.72 -6.29 -20.73
C VAL E 281 35.03 -6.44 -22.22
N LEU E 282 34.95 -7.66 -22.74
CA LEU E 282 35.23 -7.89 -24.16
C LEU E 282 34.23 -7.14 -25.04
N ALA E 283 32.95 -7.17 -24.68
CA ALA E 283 31.95 -6.45 -25.45
C ALA E 283 32.21 -4.94 -25.43
N PHE E 284 32.54 -4.40 -24.25
CA PHE E 284 32.80 -2.97 -24.17
C PHE E 284 34.00 -2.57 -25.02
N ILE E 285 35.08 -3.37 -24.93
CA ILE E 285 36.28 -3.05 -25.71
C ILE E 285 36.02 -3.19 -27.20
N VAL E 286 35.30 -4.24 -27.62
CA VAL E 286 35.08 -4.43 -29.06
C VAL E 286 34.15 -3.34 -29.59
N CYS E 287 33.24 -2.83 -28.75
CA CYS E 287 32.37 -1.76 -29.17
C CYS E 287 33.07 -0.41 -29.24
N TRP E 288 34.04 -0.14 -28.36
CA TRP E 288 34.66 1.17 -28.31
C TRP E 288 36.07 1.25 -28.86
N THR E 289 36.65 0.16 -29.36
CA THR E 289 38.01 0.29 -29.86
C THR E 289 38.10 0.86 -31.28
N PRO E 290 37.26 0.45 -32.27
CA PRO E 290 37.55 0.87 -33.65
C PRO E 290 37.30 2.35 -33.86
N PHE E 291 36.17 2.84 -33.32
CA PHE E 291 35.81 4.27 -33.49
C PHE E 291 36.89 5.16 -32.89
N PHE E 292 37.28 4.92 -31.63
CA PHE E 292 38.23 5.82 -31.00
C PHE E 292 39.63 5.63 -31.55
N PHE E 293 39.98 4.42 -31.98
CA PHE E 293 41.28 4.19 -32.59
C PHE E 293 41.40 4.98 -33.89
N VAL E 294 40.41 4.86 -34.77
CA VAL E 294 40.48 5.60 -36.04
C VAL E 294 40.35 7.10 -35.78
N GLN E 295 39.59 7.46 -34.73
CA GLN E 295 39.45 8.90 -34.37
C GLN E 295 40.84 9.44 -34.03
N MET E 296 41.55 8.76 -33.11
CA MET E 296 42.88 9.20 -32.71
C MET E 296 43.83 9.26 -33.91
N TRP E 297 43.79 8.25 -34.77
CA TRP E 297 44.67 8.24 -35.93
C TRP E 297 44.36 9.41 -36.86
N SER E 298 43.07 9.74 -37.01
CA SER E 298 42.70 10.87 -37.86
C SER E 298 43.08 12.20 -37.23
N VAL E 299 42.87 12.35 -35.92
CA VAL E 299 43.17 13.63 -35.28
C VAL E 299 44.68 13.86 -35.22
N TRP E 300 45.49 12.80 -35.17
CA TRP E 300 46.93 12.99 -35.23
C TRP E 300 47.39 13.51 -36.58
N ASP E 301 46.63 13.22 -37.64
CA ASP E 301 46.97 13.64 -39.01
C ASP E 301 48.35 13.15 -39.44
N ALA E 302 48.76 11.98 -38.95
CA ALA E 302 50.03 11.38 -39.33
C ALA E 302 49.83 10.53 -40.58
N ASN E 303 49.51 11.22 -41.68
CA ASN E 303 49.17 10.58 -42.95
C ASN E 303 48.06 9.54 -42.77
N ALA E 304 47.03 9.93 -42.02
CA ALA E 304 45.93 9.01 -41.73
C ALA E 304 45.16 8.68 -43.00
N PRO E 305 44.98 7.39 -43.32
CA PRO E 305 44.23 7.04 -44.53
C PRO E 305 42.73 7.25 -44.37
N LYS E 306 42.32 8.50 -44.15
CA LYS E 306 40.90 8.80 -44.01
C LYS E 306 40.15 8.58 -45.31
N GLU E 307 40.84 8.70 -46.45
CA GLU E 307 40.21 8.49 -47.75
C GLU E 307 39.84 7.03 -47.97
N ALA E 308 40.51 6.10 -47.29
CA ALA E 308 40.25 4.68 -47.49
C ALA E 308 38.80 4.35 -47.17
N SER E 309 38.19 3.51 -48.01
CA SER E 309 36.78 3.19 -47.86
C SER E 309 36.49 2.52 -46.53
N ALA E 310 37.37 1.60 -46.10
CA ALA E 310 37.19 0.95 -44.82
C ALA E 310 37.23 1.96 -43.68
N PHE E 311 38.13 2.93 -43.77
CA PHE E 311 38.19 3.99 -42.75
C PHE E 311 36.89 4.78 -42.72
N ILE E 312 36.35 5.12 -43.90
CA ILE E 312 35.08 5.86 -43.94
C ILE E 312 33.96 5.04 -43.31
N ILE E 313 33.93 3.74 -43.60
CA ILE E 313 32.89 2.87 -43.04
C ILE E 313 33.00 2.83 -41.52
N VAL E 314 34.21 2.60 -41.01
CA VAL E 314 34.37 2.46 -39.56
C VAL E 314 34.29 3.79 -38.84
N MET E 315 34.36 4.90 -39.58
CA MET E 315 34.21 6.21 -38.95
C MET E 315 32.82 6.36 -38.34
N LEU E 316 31.80 5.86 -39.04
CA LEU E 316 30.39 6.05 -38.57
C LEU E 316 30.01 5.01 -37.50
N LEU E 317 30.68 3.86 -37.46
CA LEU E 317 30.25 2.82 -36.54
C LEU E 317 30.66 3.10 -35.10
N ALA E 318 29.71 3.67 -34.34
CA ALA E 318 29.97 3.97 -32.91
C ALA E 318 28.67 3.74 -32.11
N SER E 319 27.60 3.28 -32.76
CA SER E 319 26.34 3.04 -32.07
C SER E 319 26.05 1.56 -31.84
N LEU E 320 26.91 0.65 -32.32
CA LEU E 320 26.68 -0.77 -32.12
C LEU E 320 26.80 -1.17 -30.65
N ASN E 321 27.38 -0.31 -29.81
CA ASN E 321 27.42 -0.58 -28.37
C ASN E 321 26.02 -0.73 -27.81
N SER E 322 25.15 0.25 -28.07
CA SER E 322 23.77 0.17 -27.59
C SER E 322 22.94 -0.80 -28.43
N CYS E 323 23.45 -1.20 -29.59
CA CYS E 323 22.79 -2.24 -30.38
C CYS E 323 23.03 -3.63 -29.80
N CYS E 324 24.18 -3.84 -29.17
CA CYS E 324 24.56 -5.16 -28.67
C CYS E 324 24.34 -5.33 -27.17
N ASN E 325 24.62 -4.29 -26.36
CA ASN E 325 24.61 -4.45 -24.91
C ASN E 325 23.28 -4.92 -24.36
N PRO E 326 22.13 -4.30 -24.68
CA PRO E 326 20.86 -4.88 -24.20
C PRO E 326 20.61 -6.26 -24.75
N TRP E 327 20.99 -6.52 -26.00
CA TRP E 327 20.83 -7.85 -26.58
C TRP E 327 21.66 -8.87 -25.82
N ILE E 328 22.90 -8.54 -25.48
CA ILE E 328 23.73 -9.43 -24.68
C ILE E 328 23.09 -9.67 -23.32
N TYR E 329 22.56 -8.62 -22.71
CA TYR E 329 21.99 -8.76 -21.37
C TYR E 329 20.76 -9.67 -21.39
N MET E 330 19.90 -9.55 -22.40
CA MET E 330 18.74 -10.43 -22.44
C MET E 330 19.12 -11.86 -22.82
N LEU E 331 20.05 -12.01 -23.78
CA LEU E 331 20.45 -13.34 -24.22
C LEU E 331 21.18 -14.10 -23.11
N PHE E 332 21.93 -13.39 -22.26
CA PHE E 332 22.63 -14.06 -21.18
C PHE E 332 21.64 -14.71 -20.22
N THR E 333 20.56 -14.01 -19.89
CA THR E 333 19.49 -14.57 -19.06
C THR E 333 18.39 -15.09 -19.97
N GLY E 334 18.67 -16.25 -20.58
CA GLY E 334 17.72 -16.86 -21.48
C GLY E 334 16.43 -17.26 -20.79
N HIS E 335 16.49 -17.50 -19.48
CA HIS E 335 15.27 -17.77 -18.71
C HIS E 335 14.31 -16.60 -18.74
N LEU E 336 14.85 -15.37 -18.78
CA LEU E 336 13.98 -14.20 -18.82
C LEU E 336 13.14 -14.16 -20.09
N PHE E 337 13.74 -14.45 -21.24
CA PHE E 337 12.99 -14.44 -22.49
C PHE E 337 11.95 -15.56 -22.51
N HIS E 338 12.31 -16.74 -22.02
CA HIS E 338 11.38 -17.86 -21.95
C HIS E 338 10.41 -17.69 -20.79
N VAL F 2 -10.13 22.15 24.35
CA VAL F 2 -9.65 22.90 23.20
C VAL F 2 -9.59 24.38 23.53
N GLN F 3 -8.37 24.92 23.63
CA GLN F 3 -8.17 26.31 24.01
C GLN F 3 -7.29 27.00 22.97
N LEU F 4 -7.67 28.23 22.61
CA LEU F 4 -7.00 28.99 21.57
C LEU F 4 -6.76 30.42 22.04
N VAL F 5 -6.23 30.56 23.26
CA VAL F 5 -6.08 31.89 23.85
C VAL F 5 -5.02 32.69 23.10
N GLU F 6 -5.31 33.95 22.85
CA GLU F 6 -4.46 34.86 22.11
C GLU F 6 -3.75 35.83 23.06
N SER F 7 -2.72 36.50 22.53
CA SER F 7 -1.99 37.48 23.29
C SER F 7 -1.24 38.40 22.33
N GLY F 8 -0.86 39.57 22.85
CA GLY F 8 -0.06 40.51 22.10
C GLY F 8 -0.86 41.61 21.41
N GLY F 9 -1.78 42.23 22.15
CA GLY F 9 -2.58 43.30 21.60
C GLY F 9 -2.66 44.48 22.55
N GLY F 10 -3.16 45.58 22.02
CA GLY F 10 -3.32 46.80 22.80
C GLY F 10 -3.10 48.03 21.93
N LEU F 11 -2.86 49.15 22.59
CA LEU F 11 -2.61 50.39 21.89
C LEU F 11 -1.25 50.36 21.20
N VAL F 12 -1.17 51.01 20.04
CA VAL F 12 0.04 50.99 19.24
C VAL F 12 0.01 52.21 18.31
N GLN F 13 1.19 52.79 18.09
CA GLN F 13 1.31 53.90 17.16
C GLN F 13 1.20 53.40 15.72
N PRO F 14 0.70 54.23 14.81
CA PRO F 14 0.60 53.80 13.41
C PRO F 14 1.97 53.55 12.82
N GLY F 15 2.03 52.58 11.91
CA GLY F 15 3.29 52.22 11.26
C GLY F 15 4.23 51.40 12.10
N GLY F 16 3.81 50.96 13.28
CA GLY F 16 4.66 50.18 14.15
C GLY F 16 4.63 48.70 13.82
N SER F 17 5.21 47.92 14.73
CA SER F 17 5.29 46.47 14.59
C SER F 17 4.71 45.81 15.83
N ARG F 18 4.01 44.70 15.63
CA ARG F 18 3.39 43.98 16.73
C ARG F 18 3.33 42.49 16.40
N LYS F 19 3.42 41.66 17.41
CA LYS F 19 3.35 40.21 17.24
C LYS F 19 2.12 39.67 17.98
N LEU F 20 1.34 38.85 17.28
CA LEU F 20 0.15 38.22 17.83
C LEU F 20 0.41 36.74 18.03
N SER F 21 0.20 36.25 19.24
CA SER F 21 0.49 34.86 19.59
C SER F 21 -0.79 34.12 19.92
N CYS F 22 -1.05 33.04 19.18
CA CYS F 22 -2.13 32.10 19.45
C CYS F 22 -1.50 30.88 20.11
N SER F 23 -1.74 30.70 21.41
CA SER F 23 -1.14 29.59 22.15
C SER F 23 -2.16 28.45 22.22
N ALA F 24 -2.23 27.70 21.11
CA ALA F 24 -3.16 26.58 21.02
C ALA F 24 -2.81 25.50 22.03
N SER F 25 -3.85 24.88 22.60
CA SER F 25 -3.65 23.81 23.56
C SER F 25 -4.88 22.92 23.56
N GLY F 26 -4.69 21.68 24.01
CA GLY F 26 -5.78 20.74 24.14
C GLY F 26 -6.19 20.01 22.88
N PHE F 27 -5.36 20.03 21.84
CA PHE F 27 -5.67 19.32 20.61
C PHE F 27 -4.40 19.16 19.80
N ALA F 28 -4.51 18.36 18.73
CA ALA F 28 -3.38 18.09 17.84
C ALA F 28 -3.11 19.28 16.94
N PHE F 29 -2.33 20.24 17.44
CA PHE F 29 -2.10 21.48 16.70
C PHE F 29 -1.39 21.22 15.39
N SER F 30 -0.42 20.30 15.38
CA SER F 30 0.40 20.08 14.20
C SER F 30 -0.40 19.57 13.00
N SER F 31 -1.58 19.00 13.23
CA SER F 31 -2.40 18.46 12.16
C SER F 31 -3.49 19.41 11.69
N PHE F 32 -3.55 20.62 12.23
CA PHE F 32 -4.63 21.55 11.97
C PHE F 32 -4.13 22.75 11.19
N GLY F 33 -4.78 23.05 10.07
CA GLY F 33 -4.59 24.33 9.43
C GLY F 33 -5.13 25.46 10.29
N MET F 34 -4.49 26.62 10.19
CA MET F 34 -4.84 27.74 11.06
C MET F 34 -5.19 28.96 10.23
N HIS F 35 -6.07 29.79 10.78
CA HIS F 35 -6.46 31.05 10.16
C HIS F 35 -6.44 32.16 11.21
N TRP F 36 -6.19 33.37 10.73
CA TRP F 36 -6.42 34.58 11.51
C TRP F 36 -7.52 35.35 10.81
N VAL F 37 -8.60 35.65 11.55
CA VAL F 37 -9.75 36.36 11.00
C VAL F 37 -10.06 37.53 11.92
N ARG F 38 -10.16 38.73 11.34
CA ARG F 38 -10.39 39.92 12.15
C ARG F 38 -11.76 40.52 11.85
N GLN F 39 -12.23 41.32 12.81
CA GLN F 39 -13.52 41.98 12.71
C GLN F 39 -13.40 43.38 13.27
N ALA F 40 -13.88 44.37 12.52
CA ALA F 40 -13.85 45.74 12.98
C ALA F 40 -14.76 45.91 14.19
N PRO F 41 -14.51 46.93 15.01
CA PRO F 41 -15.36 47.13 16.20
C PRO F 41 -16.83 47.27 15.88
N GLU F 42 -17.18 47.84 14.73
CA GLU F 42 -18.57 47.97 14.32
C GLU F 42 -18.94 47.09 13.12
N LYS F 43 -17.99 46.77 12.26
CA LYS F 43 -18.27 46.02 11.04
C LYS F 43 -18.25 44.51 11.35
N GLY F 44 -18.32 43.70 10.30
CA GLY F 44 -18.35 42.26 10.43
C GLY F 44 -16.98 41.62 10.33
N LEU F 45 -17.00 40.30 10.19
CA LEU F 45 -15.77 39.52 10.09
C LEU F 45 -15.12 39.70 8.73
N GLU F 46 -13.79 39.69 8.72
CA GLU F 46 -13.03 39.66 7.47
C GLU F 46 -11.79 38.79 7.67
N TRP F 47 -11.46 38.00 6.65
CA TRP F 47 -10.32 37.12 6.73
C TRP F 47 -9.02 37.92 6.69
N VAL F 48 -7.99 37.39 7.36
CA VAL F 48 -6.70 38.05 7.38
C VAL F 48 -5.62 37.14 6.80
N ALA F 49 -5.45 35.96 7.39
CA ALA F 49 -4.33 35.12 6.99
C ALA F 49 -4.68 33.65 7.18
N TYR F 50 -3.94 32.79 6.48
CA TYR F 50 -4.14 31.36 6.57
C TYR F 50 -2.81 30.64 6.37
N ILE F 51 -2.57 29.63 7.21
CA ILE F 51 -1.41 28.76 7.09
C ILE F 51 -1.91 27.32 7.09
N SER F 52 -1.35 26.49 6.22
CA SER F 52 -1.78 25.11 6.11
C SER F 52 -1.10 24.25 7.16
N SER F 53 -1.33 22.94 7.09
CA SER F 53 -0.70 22.02 8.02
C SER F 53 0.77 21.84 7.67
N GLY F 54 1.64 21.98 8.67
CA GLY F 54 3.06 21.86 8.42
C GLY F 54 3.66 23.01 7.65
N SER F 55 3.00 24.17 7.65
CA SER F 55 3.48 25.37 6.96
C SER F 55 3.64 25.14 5.46
N GLY F 56 2.89 24.18 4.91
CA GLY F 56 3.01 23.88 3.49
C GLY F 56 2.52 25.02 2.62
N THR F 57 1.38 25.61 2.95
CA THR F 57 0.77 26.67 2.16
C THR F 57 0.43 27.84 3.06
N ILE F 58 0.73 29.05 2.58
CA ILE F 58 0.47 30.28 3.31
C ILE F 58 -0.21 31.26 2.36
N TYR F 59 -1.34 31.82 2.78
CA TYR F 59 -2.07 32.80 1.99
C TYR F 59 -2.22 34.10 2.79
N TYR F 60 -2.69 35.13 2.09
CA TYR F 60 -2.98 36.41 2.71
C TYR F 60 -4.11 37.08 1.95
N ALA F 61 -4.77 38.04 2.60
CA ALA F 61 -5.78 38.83 1.93
C ALA F 61 -5.13 39.95 1.12
N ASP F 62 -5.91 40.55 0.22
CA ASP F 62 -5.37 41.60 -0.64
C ASP F 62 -4.87 42.78 0.18
N THR F 63 -5.64 43.22 1.18
CA THR F 63 -5.16 44.25 2.09
C THR F 63 -4.03 43.72 2.95
N VAL F 64 -4.01 42.41 3.21
CA VAL F 64 -3.01 41.80 4.07
C VAL F 64 -1.73 41.50 3.29
N LYS F 65 -1.85 41.21 1.99
CA LYS F 65 -0.74 40.68 1.21
C LYS F 65 0.48 41.58 1.30
N GLY F 66 1.63 40.98 1.63
CA GLY F 66 2.88 41.70 1.67
C GLY F 66 3.13 42.44 2.96
N ARG F 67 2.05 42.84 3.65
CA ARG F 67 2.20 43.66 4.84
C ARG F 67 2.33 42.81 6.10
N PHE F 68 1.85 41.57 6.08
CA PHE F 68 1.71 40.78 7.28
C PHE F 68 2.37 39.42 7.04
N THR F 69 2.75 38.74 8.11
CA THR F 69 3.23 37.37 7.92
C THR F 69 2.74 36.47 9.06
N ILE F 70 2.57 35.20 8.74
CA ILE F 70 2.03 34.20 9.65
C ILE F 70 2.96 32.99 9.65
N SER F 71 3.23 32.45 10.85
CA SER F 71 4.13 31.32 10.97
C SER F 71 3.74 30.48 12.17
N ARG F 72 3.64 29.16 11.97
CA ARG F 72 3.29 28.24 13.04
C ARG F 72 4.55 27.64 13.65
N ASP F 73 4.39 27.13 14.87
CA ASP F 73 5.47 26.49 15.63
C ASP F 73 4.85 25.30 16.35
N ASP F 74 4.93 24.13 15.70
CA ASP F 74 4.35 22.91 16.28
C ASP F 74 4.98 22.48 17.59
N PRO F 75 6.32 22.47 17.76
CA PRO F 75 6.89 21.96 19.02
C PRO F 75 6.32 22.60 20.26
N LYS F 76 6.06 23.90 20.25
CA LYS F 76 5.45 24.58 21.38
C LYS F 76 3.98 24.94 21.15
N ASN F 77 3.41 24.48 20.04
CA ASN F 77 1.99 24.65 19.74
C ASN F 77 1.58 26.12 19.77
N THR F 78 2.21 26.91 18.90
CA THR F 78 1.97 28.34 18.86
C THR F 78 1.79 28.80 17.42
N LEU F 79 1.13 29.94 17.27
CA LEU F 79 0.89 30.55 15.97
C LEU F 79 1.20 32.03 16.06
N PHE F 80 2.23 32.48 15.35
CA PHE F 80 2.66 33.87 15.40
C PHE F 80 2.20 34.61 14.15
N LEU F 81 1.69 35.83 14.33
CA LEU F 81 1.39 36.77 13.25
C LEU F 81 2.26 38.00 13.48
N GLN F 82 3.24 38.19 12.62
CA GLN F 82 4.09 39.39 12.66
C GLN F 82 3.36 40.48 11.88
N MET F 83 3.34 41.68 12.47
CA MET F 83 2.35 42.69 12.16
C MET F 83 3.10 44.00 11.92
N THR F 84 3.29 44.35 10.65
CA THR F 84 4.19 45.44 10.30
C THR F 84 3.42 46.59 9.67
N SER F 85 3.84 47.77 9.90
CA SER F 85 3.39 49.01 9.28
C SER F 85 1.90 49.21 9.53
N LEU F 86 1.57 49.37 10.81
CA LEU F 86 0.17 49.40 11.22
C LEU F 86 -0.51 50.67 10.74
N ARG F 87 -1.73 50.51 10.23
CA ARG F 87 -2.55 51.63 9.76
C ARG F 87 -3.75 51.79 10.68
N SER F 88 -4.52 52.86 10.43
CA SER F 88 -5.69 53.14 11.25
C SER F 88 -6.78 52.09 11.04
N GLU F 89 -6.89 51.54 9.84
CA GLU F 89 -7.92 50.55 9.55
C GLU F 89 -7.60 49.19 10.18
N ASP F 90 -6.34 48.96 10.55
CA ASP F 90 -5.94 47.68 11.12
C ASP F 90 -6.52 47.42 12.50
N THR F 91 -7.09 48.44 13.15
CA THR F 91 -7.69 48.26 14.46
C THR F 91 -8.89 47.33 14.35
N ALA F 92 -8.86 46.22 15.10
CA ALA F 92 -9.91 45.22 15.02
C ALA F 92 -9.71 44.18 16.12
N MET F 93 -10.67 43.26 16.22
CA MET F 93 -10.56 42.09 17.08
C MET F 93 -10.11 40.92 16.21
N TYR F 94 -9.07 40.22 16.65
CA TYR F 94 -8.46 39.13 15.90
C TYR F 94 -8.80 37.80 16.56
N TYR F 95 -9.30 36.86 15.76
CA TYR F 95 -9.66 35.53 16.21
C TYR F 95 -8.76 34.51 15.52
N CYS F 96 -8.14 33.66 16.33
CA CYS F 96 -7.36 32.53 15.86
C CYS F 96 -8.29 31.34 15.67
N VAL F 97 -8.35 30.81 14.46
CA VAL F 97 -9.31 29.77 14.10
C VAL F 97 -8.54 28.55 13.65
N ARG F 98 -9.08 27.37 13.95
CA ARG F 98 -8.50 26.11 13.48
C ARG F 98 -9.44 25.46 12.47
N SER F 99 -8.87 24.67 11.58
CA SER F 99 -9.64 24.00 10.55
C SER F 99 -8.77 22.90 9.93
N ILE F 100 -9.32 21.69 9.85
CA ILE F 100 -8.65 20.57 9.21
C ILE F 100 -9.44 20.19 7.97
N TYR F 101 -8.73 19.96 6.87
CA TYR F 101 -9.35 19.72 5.58
C TYR F 101 -9.08 18.29 5.14
N TYR F 102 -10.08 17.43 5.31
CA TYR F 102 -10.11 16.12 4.67
C TYR F 102 -11.55 15.84 4.27
N TYR F 103 -11.82 14.63 3.79
CA TYR F 103 -13.16 14.30 3.36
C TYR F 103 -14.08 14.23 4.57
N GLY F 104 -15.12 15.08 4.57
CA GLY F 104 -16.10 15.08 5.64
C GLY F 104 -15.72 15.87 6.87
N SER F 105 -14.60 16.58 6.86
CA SER F 105 -14.18 17.35 8.01
C SER F 105 -15.02 18.63 8.12
N SER F 106 -14.87 19.30 9.26
CA SER F 106 -15.63 20.53 9.56
C SER F 106 -14.63 21.67 9.75
N PRO F 107 -14.28 22.39 8.68
CA PRO F 107 -13.38 23.54 8.84
C PRO F 107 -14.04 24.66 9.62
N PHE F 108 -13.20 25.48 10.26
CA PHE F 108 -13.64 26.61 11.08
C PHE F 108 -14.55 26.16 12.21
N ASP F 109 -14.35 24.94 12.71
CA ASP F 109 -15.21 24.41 13.75
C ASP F 109 -15.06 25.19 15.06
N PHE F 110 -13.84 25.53 15.43
CA PHE F 110 -13.57 26.18 16.71
C PHE F 110 -12.86 27.50 16.49
N TRP F 111 -13.33 28.54 17.16
CA TRP F 111 -12.74 29.86 17.09
C TRP F 111 -12.17 30.26 18.45
N GLY F 112 -11.05 30.95 18.43
CA GLY F 112 -10.44 31.44 19.65
C GLY F 112 -11.21 32.63 20.22
N GLN F 113 -10.79 33.05 21.40
CA GLN F 113 -11.44 34.18 22.05
C GLN F 113 -11.12 35.50 21.35
N GLY F 114 -9.95 35.61 20.76
CA GLY F 114 -9.56 36.82 20.06
C GLY F 114 -9.01 37.89 20.99
N THR F 115 -8.33 38.86 20.39
CA THR F 115 -7.76 39.97 21.14
C THR F 115 -7.98 41.26 20.37
N THR F 116 -8.04 42.37 21.11
CA THR F 116 -8.29 43.68 20.52
C THR F 116 -6.97 44.35 20.20
N LEU F 117 -6.86 44.92 19.00
CA LEU F 117 -5.71 45.71 18.59
C LEU F 117 -6.22 47.06 18.12
N THR F 118 -5.88 48.12 18.83
CA THR F 118 -6.29 49.47 18.49
C THR F 118 -5.08 50.30 18.05
N VAL F 119 -5.25 51.05 16.98
CA VAL F 119 -4.20 51.89 16.41
C VAL F 119 -4.61 53.34 16.57
N SER F 120 -3.75 54.13 17.22
CA SER F 120 -4.04 55.53 17.43
C SER F 120 -4.10 56.28 16.10
N SER F 121 -4.97 57.28 16.04
CA SER F 121 -5.13 58.08 14.83
C SER F 121 -4.53 59.47 15.00
N ASP F 137 -13.01 39.11 -6.92
CA ASP F 137 -13.16 37.84 -6.21
C ASP F 137 -14.62 37.56 -5.89
N ILE F 138 -14.87 37.05 -4.68
CA ILE F 138 -16.20 36.68 -4.23
C ILE F 138 -16.66 37.70 -3.20
N VAL F 139 -17.88 38.22 -3.39
CA VAL F 139 -18.49 39.16 -2.45
C VAL F 139 -19.73 38.50 -1.86
N MET F 140 -19.84 38.54 -0.54
CA MET F 140 -20.97 37.95 0.18
C MET F 140 -21.97 39.06 0.49
N THR F 141 -23.19 38.92 0.00
CA THR F 141 -24.24 39.91 0.17
C THR F 141 -25.35 39.32 1.03
N GLN F 142 -25.51 39.85 2.23
CA GLN F 142 -26.61 39.48 3.11
C GLN F 142 -27.73 40.51 2.94
N ALA F 143 -28.86 40.06 2.40
CA ALA F 143 -29.96 40.99 2.11
C ALA F 143 -30.78 41.27 3.35
N THR F 144 -30.10 41.69 4.43
CA THR F 144 -30.76 42.03 5.69
C THR F 144 -29.71 42.62 6.62
N SER F 145 -30.18 43.40 7.57
CA SER F 145 -29.32 43.96 8.61
C SER F 145 -29.83 43.66 10.01
N SER F 146 -31.14 43.57 10.20
CA SER F 146 -31.72 43.23 11.48
C SER F 146 -33.11 42.66 11.26
N VAL F 147 -33.46 41.63 12.01
CA VAL F 147 -34.77 40.99 11.89
C VAL F 147 -35.41 40.90 13.26
N PRO F 148 -36.50 41.62 13.51
CA PRO F 148 -37.18 41.51 14.82
C PRO F 148 -37.95 40.20 14.91
N VAL F 149 -37.64 39.43 15.97
CA VAL F 149 -38.25 38.12 16.17
C VAL F 149 -38.68 37.99 17.63
N THR F 150 -39.44 36.92 17.89
CA THR F 150 -39.87 36.50 19.21
C THR F 150 -39.49 35.04 19.42
N PRO F 151 -39.01 34.66 20.59
CA PRO F 151 -38.68 33.24 20.83
C PRO F 151 -39.91 32.36 20.65
N GLY F 152 -39.70 31.21 20.01
CA GLY F 152 -40.75 30.22 19.84
C GLY F 152 -41.12 29.89 18.41
N GLU F 153 -40.86 30.78 17.46
CA GLU F 153 -41.23 30.56 16.06
C GLU F 153 -40.00 30.57 15.18
N SER F 154 -40.13 29.96 13.99
CA SER F 154 -39.02 29.83 13.07
C SER F 154 -38.65 31.18 12.45
N VAL F 155 -37.39 31.30 12.05
CA VAL F 155 -36.88 32.47 11.37
C VAL F 155 -36.01 31.99 10.20
N SER F 156 -35.86 32.86 9.21
CA SER F 156 -35.03 32.56 8.04
C SER F 156 -34.08 33.71 7.77
N ILE F 157 -32.83 33.39 7.47
CA ILE F 157 -31.80 34.37 7.14
C ILE F 157 -31.24 34.02 5.77
N SER F 158 -31.20 35.01 4.88
CA SER F 158 -30.82 34.79 3.49
C SER F 158 -29.40 35.31 3.23
N CYS F 159 -28.78 34.75 2.20
CA CYS F 159 -27.44 35.15 1.79
C CYS F 159 -27.30 34.96 0.29
N ARG F 160 -26.51 35.83 -0.34
CA ARG F 160 -26.31 35.81 -1.77
C ARG F 160 -24.82 35.81 -2.08
N SER F 161 -24.46 35.22 -3.22
CA SER F 161 -23.07 35.08 -3.64
C SER F 161 -22.86 35.79 -4.97
N SER F 162 -21.61 36.16 -5.23
CA SER F 162 -21.27 36.83 -6.48
C SER F 162 -21.54 35.92 -7.68
N LYS F 163 -21.16 34.65 -7.57
CA LYS F 163 -21.53 33.65 -8.58
C LYS F 163 -21.87 32.35 -7.85
N SER F 164 -22.11 31.29 -8.63
CA SER F 164 -22.49 30.01 -8.05
C SER F 164 -21.37 29.46 -7.18
N LEU F 165 -21.74 29.01 -5.98
CA LEU F 165 -20.79 28.39 -5.07
C LEU F 165 -20.79 26.86 -5.18
N LEU F 166 -21.62 26.30 -6.05
CA LEU F 166 -21.64 24.86 -6.26
C LEU F 166 -20.45 24.47 -7.13
N HIS F 167 -19.46 23.84 -6.53
CA HIS F 167 -18.23 23.49 -7.24
C HIS F 167 -18.49 22.32 -8.18
N SER F 168 -17.42 21.83 -8.81
CA SER F 168 -17.53 20.68 -9.70
C SER F 168 -18.06 19.45 -8.96
N ASN F 169 -17.74 19.33 -7.68
CA ASN F 169 -18.28 18.26 -6.86
C ASN F 169 -19.72 18.57 -6.47
N GLY F 170 -20.29 17.73 -5.62
CA GLY F 170 -21.66 17.94 -5.18
C GLY F 170 -21.83 18.91 -4.03
N ASN F 171 -20.74 19.34 -3.42
CA ASN F 171 -20.80 20.20 -2.23
C ASN F 171 -20.65 21.67 -2.61
N THR F 172 -21.37 22.52 -1.88
CA THR F 172 -21.29 23.96 -2.04
C THR F 172 -20.61 24.53 -0.81
N TYR F 173 -19.54 25.29 -1.01
CA TYR F 173 -18.66 25.72 0.07
C TYR F 173 -19.24 26.99 0.71
N LEU F 174 -20.29 26.81 1.49
CA LEU F 174 -20.90 27.89 2.24
C LEU F 174 -20.91 27.54 3.72
N TYR F 175 -20.55 28.51 4.56
CA TYR F 175 -20.44 28.32 5.99
C TYR F 175 -21.29 29.37 6.71
N TRP F 176 -21.87 28.97 7.83
CA TRP F 176 -22.70 29.85 8.65
C TRP F 176 -22.09 29.94 10.05
N PHE F 177 -22.06 31.16 10.58
CA PHE F 177 -21.48 31.40 11.90
C PHE F 177 -22.41 32.24 12.75
N LEU F 178 -22.40 31.98 14.05
CA LEU F 178 -23.18 32.73 15.02
C LEU F 178 -22.23 33.40 16.01
N GLN F 179 -22.47 34.67 16.30
CA GLN F 179 -21.68 35.40 17.27
C GLN F 179 -22.64 36.05 18.28
N ARG F 180 -22.65 35.53 19.49
CA ARG F 180 -23.43 36.12 20.57
C ARG F 180 -22.73 37.36 21.10
N PRO F 181 -23.48 38.28 21.71
CA PRO F 181 -22.86 39.50 22.26
C PRO F 181 -21.80 39.15 23.29
N GLY F 182 -20.59 39.69 23.07
CA GLY F 182 -19.49 39.44 23.98
C GLY F 182 -18.94 38.03 23.93
N GLN F 183 -19.19 37.30 22.85
CA GLN F 183 -18.74 35.91 22.72
C GLN F 183 -18.11 35.70 21.36
N SER F 184 -17.10 34.83 21.32
CA SER F 184 -16.45 34.49 20.07
C SER F 184 -17.41 33.74 19.15
N PRO F 185 -17.23 33.84 17.84
CA PRO F 185 -18.13 33.14 16.92
C PRO F 185 -17.96 31.63 17.00
N GLN F 186 -19.00 30.93 16.55
CA GLN F 186 -18.97 29.48 16.51
C GLN F 186 -19.60 29.01 15.20
N LEU F 187 -19.19 27.83 14.76
CA LEU F 187 -19.70 27.26 13.51
C LEU F 187 -21.07 26.64 13.73
N LEU F 188 -21.98 26.86 12.78
CA LEU F 188 -23.30 26.26 12.81
C LEU F 188 -23.48 25.26 11.68
N ILE F 189 -23.28 25.69 10.43
CA ILE F 189 -23.43 24.83 9.26
C ILE F 189 -22.17 24.97 8.42
N TYR F 190 -21.59 23.85 8.03
CA TYR F 190 -20.45 23.83 7.12
C TYR F 190 -20.84 23.11 5.83
N ARG F 191 -20.39 23.65 4.71
CA ARG F 191 -20.77 23.17 3.38
C ARG F 191 -22.28 23.27 3.14
N MET F 192 -22.92 24.21 3.82
CA MET F 192 -24.28 24.68 3.53
C MET F 192 -25.35 23.67 3.92
N SER F 193 -24.96 22.46 4.24
CA SER F 193 -25.98 21.49 4.62
C SER F 193 -25.67 20.75 5.91
N ASN F 194 -24.41 20.43 6.16
CA ASN F 194 -24.04 19.62 7.31
C ASN F 194 -24.05 20.46 8.58
N LEU F 195 -24.73 19.96 9.61
CA LEU F 195 -24.76 20.65 10.89
C LEU F 195 -23.48 20.37 11.67
N ALA F 196 -22.98 21.41 12.33
CA ALA F 196 -21.75 21.27 13.10
C ALA F 196 -21.99 20.45 14.36
N SER F 197 -20.92 19.85 14.86
CA SER F 197 -20.99 19.06 16.08
C SER F 197 -21.17 19.96 17.29
N GLY F 198 -21.99 19.52 18.24
CA GLY F 198 -22.29 20.31 19.41
C GLY F 198 -23.29 21.42 19.20
N VAL F 199 -23.96 21.45 18.05
CA VAL F 199 -24.91 22.50 17.71
C VAL F 199 -26.32 21.90 17.71
N PRO F 200 -27.30 22.56 18.30
CA PRO F 200 -28.66 22.01 18.32
C PRO F 200 -29.22 21.81 16.93
N ASP F 201 -30.11 20.82 16.80
CA ASP F 201 -30.65 20.41 15.51
C ASP F 201 -31.48 21.52 14.87
N ARG F 202 -31.97 22.47 15.68
CA ARG F 202 -32.91 23.48 15.19
C ARG F 202 -32.40 24.19 13.94
N PHE F 203 -31.12 24.57 13.93
CA PHE F 203 -30.55 25.26 12.78
C PHE F 203 -30.48 24.31 11.58
N SER F 204 -30.81 24.82 10.41
CA SER F 204 -30.76 24.01 9.19
C SER F 204 -30.45 24.91 8.00
N GLY F 205 -29.36 24.64 7.31
CA GLY F 205 -28.98 25.39 6.13
C GLY F 205 -29.45 24.72 4.86
N SER F 206 -29.79 25.53 3.86
CA SER F 206 -30.22 25.02 2.57
C SER F 206 -30.01 26.09 1.52
N GLY F 207 -29.43 25.71 0.39
CA GLY F 207 -29.16 26.69 -0.64
C GLY F 207 -29.18 26.07 -2.02
N SER F 208 -29.36 26.93 -3.02
CA SER F 208 -29.35 26.54 -4.42
C SER F 208 -28.65 27.62 -5.22
N GLY F 209 -27.66 27.22 -6.01
CA GLY F 209 -26.94 28.16 -6.84
C GLY F 209 -26.30 29.27 -6.04
N THR F 210 -26.85 30.48 -6.16
CA THR F 210 -26.34 31.65 -5.47
C THR F 210 -27.20 32.09 -4.29
N ALA F 211 -28.36 31.46 -4.07
CA ALA F 211 -29.28 31.87 -3.02
C ALA F 211 -29.23 30.86 -1.88
N PHE F 212 -28.91 31.33 -0.69
CA PHE F 212 -28.71 30.45 0.46
C PHE F 212 -29.58 30.94 1.61
N THR F 213 -30.02 30.01 2.46
CA THR F 213 -30.91 30.37 3.56
C THR F 213 -30.68 29.44 4.74
N LEU F 214 -30.49 30.04 5.92
CA LEU F 214 -30.41 29.31 7.18
C LEU F 214 -31.72 29.51 7.94
N THR F 215 -32.35 28.41 8.32
CA THR F 215 -33.64 28.44 9.00
C THR F 215 -33.48 27.94 10.43
N ILE F 216 -34.02 28.68 11.37
CA ILE F 216 -34.00 28.33 12.79
C ILE F 216 -35.44 28.05 13.20
N SER F 217 -35.79 26.79 13.33
CA SER F 217 -37.11 26.40 13.82
C SER F 217 -37.10 26.34 15.34
N ARG F 218 -38.20 26.77 15.95
CA ARG F 218 -38.35 26.82 17.40
C ARG F 218 -37.23 27.63 18.03
N LEU F 219 -37.14 28.90 17.61
CA LEU F 219 -36.12 29.80 18.12
C LEU F 219 -36.27 29.98 19.63
N GLU F 220 -35.22 29.66 20.37
CA GLU F 220 -35.19 29.84 21.81
C GLU F 220 -34.24 30.97 22.17
N ALA F 221 -33.97 31.14 23.46
CA ALA F 221 -33.03 32.15 23.91
C ALA F 221 -31.61 31.74 23.53
N GLU F 222 -30.64 32.58 23.88
CA GLU F 222 -29.23 32.39 23.56
C GLU F 222 -28.98 32.33 22.05
N ASP F 223 -29.92 32.84 21.26
CA ASP F 223 -29.75 32.95 19.82
C ASP F 223 -29.62 34.40 19.34
N VAL F 224 -29.79 35.37 20.24
CA VAL F 224 -29.57 36.77 19.88
C VAL F 224 -28.11 36.98 19.55
N GLY F 225 -27.85 37.65 18.44
CA GLY F 225 -26.49 37.89 18.00
C GLY F 225 -26.44 38.11 16.50
N VAL F 226 -25.24 38.02 15.95
CA VAL F 226 -24.99 38.30 14.54
C VAL F 226 -24.72 37.00 13.82
N TYR F 227 -25.34 36.81 12.66
CA TYR F 227 -25.16 35.63 11.83
C TYR F 227 -24.36 36.01 10.60
N TYR F 228 -23.27 35.28 10.37
CA TYR F 228 -22.33 35.57 9.30
C TYR F 228 -22.34 34.46 8.26
N CYS F 229 -22.21 34.85 6.99
CA CYS F 229 -22.30 33.96 5.85
C CYS F 229 -20.98 34.02 5.10
N MET F 230 -20.22 32.92 5.13
CA MET F 230 -18.87 32.88 4.55
C MET F 230 -18.83 31.91 3.38
N GLN F 231 -17.96 32.20 2.43
CA GLN F 231 -17.67 31.30 1.32
C GLN F 231 -16.28 30.68 1.50
N HIS F 232 -16.08 29.50 0.91
CA HIS F 232 -14.79 28.85 0.97
C HIS F 232 -14.39 28.21 -0.35
N LEU F 233 -15.09 28.51 -1.45
CA LEU F 233 -14.76 27.89 -2.73
C LEU F 233 -13.37 28.31 -3.19
N GLU F 234 -13.03 29.59 -3.03
CA GLU F 234 -11.75 30.08 -3.49
C GLU F 234 -11.31 31.25 -2.60
N TYR F 235 -10.00 31.37 -2.42
CA TYR F 235 -9.46 32.46 -1.64
C TYR F 235 -9.55 33.77 -2.44
N PRO F 236 -9.64 34.92 -1.75
CA PRO F 236 -9.67 35.09 -0.30
C PRO F 236 -11.03 34.76 0.33
N LEU F 237 -11.02 34.48 1.63
CA LEU F 237 -12.25 34.20 2.35
C LEU F 237 -12.98 35.51 2.65
N THR F 238 -14.23 35.61 2.22
CA THR F 238 -15.02 36.82 2.37
C THR F 238 -16.29 36.50 3.13
N PHE F 239 -16.55 37.26 4.19
CA PHE F 239 -17.74 37.09 4.99
C PHE F 239 -18.88 37.97 4.48
N GLY F 240 -20.08 37.71 4.98
CA GLY F 240 -21.22 38.53 4.68
C GLY F 240 -21.25 39.79 5.54
N ALA F 241 -22.28 40.61 5.30
CA ALA F 241 -22.45 41.82 6.09
C ALA F 241 -22.69 41.49 7.55
N GLY F 242 -23.47 40.46 7.82
CA GLY F 242 -23.77 40.06 9.18
C GLY F 242 -25.17 40.44 9.61
N THR F 243 -26.09 39.50 9.58
CA THR F 243 -27.48 39.77 9.92
C THR F 243 -27.63 39.78 11.43
N LYS F 244 -28.05 40.92 11.98
CA LYS F 244 -28.32 41.02 13.40
C LYS F 244 -29.69 40.40 13.71
N LEU F 245 -29.78 39.71 14.84
CA LEU F 245 -31.00 39.05 15.25
C LEU F 245 -31.19 39.30 16.75
N GLU F 246 -32.30 39.94 17.11
CA GLU F 246 -32.55 40.37 18.48
C GLU F 246 -33.97 39.98 18.88
N LEU F 247 -34.17 39.85 20.19
CA LEU F 247 -35.45 39.46 20.78
C LEU F 247 -35.93 38.12 20.20
#